data_2AKW
#
_entry.id   2AKW
#
_cell.length_a   172.980
_cell.length_b   172.980
_cell.length_c   138.510
_cell.angle_alpha   90.00
_cell.angle_beta   90.00
_cell.angle_gamma   120.00
#
_symmetry.space_group_name_H-M   'P 32 2 1'
#
loop_
_entity.id
_entity.type
_entity.pdbx_description
1 polymer 'Phenylalanyl-tRNA synthetase alpha chain'
2 polymer 'Phenylalanyl-tRNA synthetase beta chain'
3 non-polymer 'MANGANESE (II) ION'
4 non-polymer 4-CHLORO-L-PHENYLALANINE
5 non-polymer 'SULFATE ION'
6 water water
#
loop_
_entity_poly.entity_id
_entity_poly.type
_entity_poly.pdbx_seq_one_letter_code
_entity_poly.pdbx_strand_id
1 'polypeptide(L)'
;RVDVSLPGASLFSGGLHPITLMERELVEIFRALGYQAVEGPEVESEFFNFDALNIPEHHPARDMWDTFWLTGEGFRLEGP
LGEEVEGRLLLRTHTSPMQVRYMVAHTPPFRIVVPGRVFRFEQTDATHEAVFHQLEGLVVGEGIAMAHLKGAIYELAQAL
FGPDSKVRFQPVYFPFVEPGAQFAVWWPEGGKWLELGGAGMVHPKVFQAVDAYRERLGLPPAYRGVTGFAFGLGVERLAM
LRYGIPDIRYFFGGRLKFLEQFKGVL
;
A
2 'polypeptide(L)'
;MRVPFSWLKAYVPELESPEVLEERLAGLGFETDRIERVFPIPRGVVFARVLEAHPIPGTRLKRLVLDAGRTVEVVSGAEN
ARKGIGVALALPGTELPGLGQKVGERVIQGVRSFGMALSPRELGVGEYGGGLLEFPEDALPPGTPLSEAWPEEVVLDLEV
TPNRPDALGLLGLARDLHALGYALVEPEAALKAEALPLPFALKVEDPEGAPHFTLGYAFGLRVAPSPLWMQRALFAAGMR
PINNVVDVTNYVMLERAQPMHAFDLRFVGEGIAVRRAREGERLKTLDGVERTLHPEDLVIAGWRGEESFPLGLAGVMGGA
ESEVREDTEAIALEVACFDPVSIRKTARRHGLRTEASHRFERGVDPLGQVPAQRRALSLLQALAGARVAEALLEAGSPKP
PEAIPFRPEYANRLLGTSYPEAEQIAILKRLGCRVEGEGPTYRVTPPSHRLDLRLEEDLVEEVARIQGYETIPLALPAFF
PAPDNRGVEAPYRKEQRLREVLSGLGFQEVYTYSFMDPEDARRFRLDPPRLLLLNPLAPEKAALRTHLFPGLVRVLKENL
DLDRPERALLFEVGRVFREREETHLAGLLFGEGVGLPWAKERLSGYFLLKGYLEALFARLGLAFRVEAQAFPFLHPGVSG
RVLVEGEEVGFLGALHPEIAQELELPPVHLFELRLPLPDKPLAFQDPSRHPAAFRDLAVVVPAPTPYGEVEALVREAAGP
YLESLALFDLYQGPPLPEGHKSLAFHLRFRHPKRTLRDEEVEEAVSRVAEALRARGFGLRGLDTP
;
B
#
loop_
_chem_comp.id
_chem_comp.type
_chem_comp.name
_chem_comp.formula
MN non-polymer 'MANGANESE (II) ION' 'Mn 2'
SO4 non-polymer 'SULFATE ION' 'O4 S -2'
#
# COMPACT_ATOMS: atom_id res chain seq x y z
N ARG A 1 1.49 27.22 58.38
CA ARG A 1 0.99 25.82 58.22
C ARG A 1 0.18 25.64 56.94
N VAL A 2 0.51 24.61 56.17
CA VAL A 2 -0.17 24.29 54.91
C VAL A 2 -0.14 22.79 54.63
N ASP A 3 -1.23 22.24 54.12
CA ASP A 3 -1.25 20.81 53.79
C ASP A 3 -0.49 20.74 52.46
N VAL A 4 0.82 20.54 52.55
CA VAL A 4 1.65 20.47 51.36
C VAL A 4 1.34 19.27 50.45
N SER A 5 0.60 18.29 50.97
CA SER A 5 0.24 17.14 50.16
C SER A 5 -1.05 17.44 49.41
N LEU A 6 -1.43 18.72 49.47
CA LEU A 6 -2.66 19.18 48.83
C LEU A 6 -2.38 19.52 47.37
N PRO A 7 -3.27 19.10 46.46
CA PRO A 7 -3.14 19.37 45.02
C PRO A 7 -2.77 20.82 44.71
N GLY A 8 -1.98 21.02 43.66
CA GLY A 8 -1.58 22.36 43.28
C GLY A 8 -2.35 22.85 42.06
N ALA A 9 -2.11 24.11 41.68
CA ALA A 9 -2.80 24.68 40.52
C ALA A 9 -2.82 23.66 39.38
N SER A 10 -3.98 23.49 38.75
CA SER A 10 -4.12 22.52 37.68
C SER A 10 -3.59 22.94 36.31
N LEU A 11 -2.33 23.36 36.26
CA LEU A 11 -1.73 23.74 34.98
C LEU A 11 -1.82 22.51 34.07
N PHE A 12 -2.22 22.71 32.82
CA PHE A 12 -2.35 21.61 31.86
C PHE A 12 -1.01 20.93 31.55
N SER A 13 -1.03 19.62 31.33
CA SER A 13 0.18 18.89 30.98
C SER A 13 0.00 18.33 29.57
N GLY A 14 0.88 18.73 28.66
CA GLY A 14 0.78 18.29 27.28
C GLY A 14 1.29 16.89 26.97
N GLY A 15 1.34 16.57 25.68
CA GLY A 15 1.80 15.27 25.25
C GLY A 15 1.95 15.20 23.74
N LEU A 16 2.72 14.23 23.26
CA LEU A 16 2.94 14.03 21.84
C LEU A 16 2.26 12.74 21.40
N HIS A 17 1.78 12.73 20.17
CA HIS A 17 1.09 11.58 19.58
C HIS A 17 2.06 10.42 19.34
N PRO A 18 1.58 9.17 19.51
CA PRO A 18 2.38 7.97 19.32
C PRO A 18 3.21 7.96 18.03
N ILE A 19 2.57 8.37 16.93
CA ILE A 19 3.23 8.40 15.63
C ILE A 19 4.38 9.40 15.61
N THR A 20 4.17 10.53 16.28
CA THR A 20 5.20 11.56 16.38
C THR A 20 6.43 10.97 17.11
N LEU A 21 6.19 10.31 18.24
CA LEU A 21 7.25 9.69 18.99
C LEU A 21 7.96 8.67 18.10
N MET A 22 7.19 7.77 17.48
CA MET A 22 7.81 6.75 16.65
C MET A 22 8.59 7.39 15.51
N GLU A 23 7.95 8.32 14.81
CA GLU A 23 8.61 8.99 13.70
C GLU A 23 9.89 9.67 14.17
N ARG A 24 9.80 10.33 15.32
CA ARG A 24 10.96 11.03 15.86
C ARG A 24 12.13 10.08 16.08
N GLU A 25 11.86 8.99 16.78
CA GLU A 25 12.88 8.00 17.07
C GLU A 25 13.49 7.51 15.78
N LEU A 26 12.65 7.23 14.79
CA LEU A 26 13.16 6.74 13.52
C LEU A 26 14.09 7.76 12.89
N VAL A 27 13.63 9.01 12.83
CA VAL A 27 14.41 10.09 12.25
C VAL A 27 15.75 10.27 12.98
N GLU A 28 15.75 10.11 14.30
CA GLU A 28 16.99 10.23 15.07
C GLU A 28 17.93 9.09 14.67
N ILE A 29 17.40 7.86 14.63
CA ILE A 29 18.17 6.69 14.26
C ILE A 29 18.98 6.98 12.98
N PHE A 30 18.30 7.50 11.96
CA PHE A 30 18.96 7.79 10.70
C PHE A 30 19.79 9.08 10.69
N ARG A 31 19.45 10.06 11.53
CA ARG A 31 20.23 11.29 11.58
C ARG A 31 21.65 10.91 12.00
N ALA A 32 21.74 9.96 12.92
CA ALA A 32 23.03 9.51 13.43
C ALA A 32 23.83 8.84 12.32
N LEU A 33 23.15 8.43 11.26
CA LEU A 33 23.83 7.78 10.15
C LEU A 33 24.08 8.76 9.01
N GLY A 34 23.83 10.04 9.27
CA GLY A 34 24.05 11.04 8.25
C GLY A 34 22.86 11.36 7.35
N TYR A 35 21.67 10.90 7.72
CA TYR A 35 20.49 11.17 6.92
C TYR A 35 19.82 12.44 7.42
N GLN A 36 19.24 13.18 6.50
CA GLN A 36 18.52 14.41 6.81
C GLN A 36 17.07 14.23 6.42
N ALA A 37 16.16 14.75 7.24
CA ALA A 37 14.74 14.59 6.95
C ALA A 37 14.10 15.77 6.22
N VAL A 38 13.37 15.44 5.15
CA VAL A 38 12.65 16.41 4.33
C VAL A 38 11.25 15.80 4.04
N GLU A 39 10.28 16.65 3.74
CA GLU A 39 8.94 16.17 3.46
C GLU A 39 8.43 16.48 2.05
N GLY A 40 7.32 15.87 1.69
CA GLY A 40 6.73 16.11 0.38
C GLY A 40 5.26 16.42 0.57
N PRO A 41 4.56 16.78 -0.51
CA PRO A 41 3.14 17.10 -0.40
C PRO A 41 2.25 15.84 -0.38
N GLU A 42 1.18 15.92 0.41
CA GLU A 42 0.22 14.81 0.53
C GLU A 42 -0.60 14.65 -0.75
N VAL A 43 -0.96 15.76 -1.39
CA VAL A 43 -1.68 15.68 -2.65
C VAL A 43 -0.62 15.66 -3.75
N GLU A 44 -0.66 14.65 -4.62
CA GLU A 44 0.33 14.51 -5.68
C GLU A 44 -0.19 14.35 -7.10
N SER A 45 0.76 14.33 -8.02
CA SER A 45 0.53 14.17 -9.44
C SER A 45 0.72 12.69 -9.74
N GLU A 46 -0.04 12.16 -10.69
CA GLU A 46 0.12 10.76 -11.04
C GLU A 46 1.56 10.58 -11.54
N PHE A 47 2.11 11.62 -12.16
CA PHE A 47 3.48 11.61 -12.69
C PHE A 47 4.52 11.34 -11.60
N PHE A 48 4.41 12.03 -10.47
CA PHE A 48 5.35 11.83 -9.38
C PHE A 48 5.07 10.57 -8.57
N ASN A 49 3.79 10.30 -8.31
CA ASN A 49 3.41 9.14 -7.53
C ASN A 49 3.59 7.83 -8.28
N PHE A 50 3.44 7.85 -9.60
CA PHE A 50 3.57 6.63 -10.38
C PHE A 50 4.56 6.64 -11.54
N ASP A 51 4.19 7.32 -12.62
CA ASP A 51 5.03 7.38 -13.82
C ASP A 51 6.52 7.57 -13.57
N ALA A 52 6.88 8.62 -12.85
CA ALA A 52 8.28 8.90 -12.57
C ALA A 52 8.99 7.76 -11.85
N LEU A 53 8.21 6.93 -11.15
CA LEU A 53 8.77 5.81 -10.42
C LEU A 53 8.71 4.48 -11.16
N ASN A 54 8.51 4.55 -12.47
CA ASN A 54 8.45 3.37 -13.34
C ASN A 54 7.23 2.48 -13.05
N ILE A 55 6.07 3.13 -12.84
CA ILE A 55 4.82 2.43 -12.58
C ILE A 55 3.72 2.99 -13.49
N PRO A 56 3.62 2.48 -14.72
CA PRO A 56 2.61 2.95 -15.67
C PRO A 56 1.21 2.42 -15.41
N GLU A 57 0.24 2.95 -16.17
CA GLU A 57 -1.16 2.55 -16.05
C GLU A 57 -1.39 1.17 -16.61
N HIS A 58 -2.52 0.58 -16.21
CA HIS A 58 -2.91 -0.74 -16.68
C HIS A 58 -1.79 -1.74 -16.44
N HIS A 59 -0.82 -1.32 -15.64
CA HIS A 59 0.31 -2.17 -15.31
C HIS A 59 -0.12 -3.01 -14.12
N PRO A 60 0.23 -4.30 -14.12
CA PRO A 60 -0.17 -5.14 -12.99
C PRO A 60 0.48 -4.64 -11.70
N ALA A 61 1.64 -4.01 -11.82
CA ALA A 61 2.34 -3.51 -10.65
C ALA A 61 1.64 -2.31 -10.01
N ARG A 62 0.88 -1.56 -10.79
CA ARG A 62 0.21 -0.41 -10.22
C ARG A 62 -0.93 -0.82 -9.28
N ASP A 63 -1.27 -2.11 -9.29
CA ASP A 63 -2.33 -2.60 -8.42
C ASP A 63 -1.87 -2.74 -6.99
N MET A 64 -0.56 -2.61 -6.77
CA MET A 64 0.02 -2.70 -5.43
C MET A 64 -0.40 -1.52 -4.56
N TRP A 65 -0.94 -0.47 -5.19
CA TRP A 65 -1.38 0.73 -4.48
C TRP A 65 -2.80 1.15 -4.89
N ASP A 66 -3.75 1.07 -3.96
CA ASP A 66 -5.14 1.47 -4.27
C ASP A 66 -5.21 2.97 -4.09
N THR A 67 -5.30 3.67 -5.20
CA THR A 67 -5.32 5.13 -5.22
C THR A 67 -6.63 5.88 -5.00
N PHE A 68 -6.52 6.99 -4.28
CA PHE A 68 -7.64 7.88 -4.02
C PHE A 68 -7.48 8.95 -5.10
N TRP A 69 -8.40 9.04 -6.05
CA TRP A 69 -8.28 10.05 -7.08
C TRP A 69 -9.05 11.31 -6.74
N LEU A 70 -8.40 12.46 -6.94
CA LEU A 70 -9.01 13.75 -6.61
C LEU A 70 -9.53 14.53 -7.80
N THR A 71 -10.42 15.48 -7.52
CA THR A 71 -11.00 16.33 -8.54
C THR A 71 -11.23 17.74 -8.00
N GLY A 72 -11.44 18.69 -8.91
CA GLY A 72 -11.66 20.07 -8.50
C GLY A 72 -10.60 20.98 -9.08
N GLU A 73 -10.95 22.22 -9.40
CA GLU A 73 -9.99 23.15 -9.96
C GLU A 73 -9.67 24.33 -9.05
N GLY A 74 -8.66 25.09 -9.46
CA GLY A 74 -8.22 26.24 -8.68
C GLY A 74 -7.06 25.84 -7.82
N PHE A 75 -6.84 24.52 -7.71
CA PHE A 75 -5.76 23.99 -6.90
C PHE A 75 -4.43 24.04 -7.65
N ARG A 76 -3.42 24.59 -6.97
CA ARG A 76 -2.08 24.72 -7.54
C ARG A 76 -1.10 23.73 -6.90
N LEU A 77 -0.79 22.66 -7.62
CA LEU A 77 0.16 21.68 -7.13
C LEU A 77 1.51 22.17 -7.58
N GLU A 78 2.42 22.40 -6.63
CA GLU A 78 3.74 22.90 -7.00
C GLU A 78 4.81 21.82 -7.08
N GLY A 79 5.64 21.92 -8.11
CA GLY A 79 6.70 20.95 -8.31
C GLY A 79 7.93 21.15 -7.46
N PRO A 80 8.96 20.31 -7.65
CA PRO A 80 10.23 20.34 -6.91
C PRO A 80 10.91 21.70 -6.87
N LEU A 81 11.03 22.34 -8.02
CA LEU A 81 11.68 23.63 -8.07
C LEU A 81 10.67 24.76 -7.92
N GLY A 82 9.64 24.54 -7.11
CA GLY A 82 8.65 25.54 -6.86
C GLY A 82 7.68 25.80 -8.00
N GLU A 83 8.01 25.33 -9.20
CA GLU A 83 7.16 25.53 -10.38
C GLU A 83 5.85 24.76 -10.29
N GLU A 84 4.88 25.28 -11.03
CA GLU A 84 3.50 24.83 -11.09
C GLU A 84 3.28 23.67 -12.08
N VAL A 85 3.37 22.44 -11.57
CA VAL A 85 3.21 21.25 -12.40
C VAL A 85 1.77 20.80 -12.62
N GLU A 86 1.62 19.84 -13.53
CA GLU A 86 0.32 19.28 -13.85
C GLU A 86 0.32 17.75 -13.79
N GLY A 87 -0.84 17.17 -14.07
CA GLY A 87 -0.99 15.73 -14.03
C GLY A 87 -2.24 15.44 -13.22
N ARG A 88 -2.77 14.22 -13.32
CA ARG A 88 -3.97 13.86 -12.56
C ARG A 88 -3.68 13.86 -11.07
N LEU A 89 -4.45 14.63 -10.31
CA LEU A 89 -4.25 14.69 -8.87
C LEU A 89 -4.75 13.44 -8.16
N LEU A 90 -4.10 13.14 -7.04
CA LEU A 90 -4.42 11.98 -6.23
C LEU A 90 -3.72 12.15 -4.90
N LEU A 91 -4.12 11.36 -3.91
CA LEU A 91 -3.46 11.40 -2.62
C LEU A 91 -2.31 10.41 -2.79
N ARG A 92 -1.10 10.82 -2.44
CA ARG A 92 0.04 9.95 -2.59
C ARG A 92 -0.21 8.59 -1.90
N THR A 93 0.15 7.51 -2.57
CA THR A 93 -0.05 6.17 -2.03
C THR A 93 1.17 5.67 -1.28
N HIS A 94 2.21 6.49 -1.25
CA HIS A 94 3.44 6.19 -0.55
C HIS A 94 4.31 7.42 -0.62
N THR A 95 5.35 7.48 0.20
CA THR A 95 6.22 8.64 0.22
C THR A 95 7.22 8.64 -0.94
N SER A 96 7.39 7.49 -1.59
CA SER A 96 8.32 7.34 -2.70
C SER A 96 8.41 8.49 -3.72
N PRO A 97 7.27 9.03 -4.18
CA PRO A 97 7.37 10.13 -5.16
C PRO A 97 8.33 11.24 -4.70
N MET A 98 8.51 11.36 -3.40
CA MET A 98 9.38 12.38 -2.83
C MET A 98 10.86 12.19 -3.17
N GLN A 99 11.25 10.96 -3.46
CA GLN A 99 12.65 10.75 -3.78
C GLN A 99 12.94 11.22 -5.20
N VAL A 100 11.88 11.44 -5.96
CA VAL A 100 12.05 11.94 -7.33
C VAL A 100 12.10 13.45 -7.21
N ARG A 101 11.20 14.01 -6.43
CA ARG A 101 11.15 15.45 -6.23
C ARG A 101 12.50 15.93 -5.70
N TYR A 102 12.98 15.30 -4.63
CA TYR A 102 14.24 15.69 -4.03
C TYR A 102 15.40 15.63 -5.02
N MET A 103 15.46 14.54 -5.79
CA MET A 103 16.54 14.36 -6.74
C MET A 103 16.59 15.38 -7.88
N VAL A 104 15.45 15.90 -8.31
CA VAL A 104 15.50 16.88 -9.39
C VAL A 104 15.89 18.22 -8.80
N ALA A 105 15.72 18.37 -7.49
CA ALA A 105 16.03 19.61 -6.79
C ALA A 105 17.40 19.71 -6.11
N HIS A 106 18.17 18.63 -6.13
CA HIS A 106 19.49 18.65 -5.51
C HIS A 106 20.46 17.80 -6.32
N THR A 107 21.71 17.72 -5.86
CA THR A 107 22.69 16.93 -6.58
C THR A 107 23.36 15.96 -5.61
N PRO A 108 23.80 14.79 -6.12
CA PRO A 108 24.47 13.78 -5.31
C PRO A 108 25.90 14.15 -4.99
N PRO A 109 26.50 13.53 -3.97
CA PRO A 109 25.91 12.51 -3.11
C PRO A 109 25.07 13.10 -1.97
N PHE A 110 24.21 12.28 -1.39
CA PHE A 110 23.35 12.71 -0.28
C PHE A 110 22.62 11.56 0.40
N ARG A 111 22.05 11.85 1.57
CA ARG A 111 21.27 10.88 2.35
C ARG A 111 20.01 11.55 2.87
N ILE A 112 18.86 11.02 2.52
CA ILE A 112 17.63 11.61 3.02
C ILE A 112 16.71 10.56 3.53
N VAL A 113 15.83 10.98 4.41
CA VAL A 113 14.83 10.12 4.99
C VAL A 113 13.62 11.03 4.92
N VAL A 114 12.49 10.51 4.43
CA VAL A 114 11.31 11.35 4.34
C VAL A 114 10.10 10.68 4.94
N PRO A 115 9.64 11.20 6.06
CA PRO A 115 8.47 10.64 6.73
C PRO A 115 7.25 11.26 6.07
N GLY A 116 6.08 10.68 6.29
CA GLY A 116 4.90 11.25 5.68
C GLY A 116 3.62 10.47 5.73
N ARG A 117 2.52 11.21 5.75
CA ARG A 117 1.19 10.62 5.79
C ARG A 117 0.90 10.15 4.37
N VAL A 118 0.42 8.91 4.25
CA VAL A 118 0.07 8.37 2.95
C VAL A 118 -1.38 7.89 2.98
N PHE A 119 -1.99 7.79 1.80
CA PHE A 119 -3.37 7.36 1.71
C PHE A 119 -3.58 6.23 0.71
N ARG A 120 -4.48 5.31 1.06
CA ARG A 120 -4.81 4.20 0.19
C ARG A 120 -6.25 3.78 0.41
N PHE A 121 -6.98 3.58 -0.68
CA PHE A 121 -8.36 3.16 -0.58
C PHE A 121 -8.39 1.71 -0.10
N GLU A 122 -8.67 1.54 1.19
CA GLU A 122 -8.72 0.22 1.77
C GLU A 122 -9.65 0.14 2.97
N GLN A 123 -10.12 -1.07 3.27
CA GLN A 123 -11.03 -1.29 4.38
C GLN A 123 -10.27 -1.27 5.72
N THR A 124 -10.72 -0.39 6.61
CA THR A 124 -10.13 -0.20 7.92
C THR A 124 -10.47 -1.24 8.98
N ASP A 125 -9.49 -2.07 9.34
CA ASP A 125 -9.72 -3.05 10.40
C ASP A 125 -8.78 -2.80 11.58
N ALA A 126 -8.49 -3.82 12.37
CA ALA A 126 -7.62 -3.67 13.54
C ALA A 126 -6.14 -3.49 13.21
N THR A 127 -5.73 -3.96 12.04
CA THR A 127 -4.33 -3.82 11.63
C THR A 127 -4.22 -3.33 10.20
N HIS A 128 -5.18 -2.50 9.78
CA HIS A 128 -5.18 -1.95 8.44
C HIS A 128 -5.83 -0.59 8.41
N GLU A 129 -5.15 0.36 7.77
CA GLU A 129 -5.67 1.72 7.65
C GLU A 129 -5.61 2.21 6.21
N ALA A 130 -6.41 3.24 5.95
CA ALA A 130 -6.47 3.84 4.63
C ALA A 130 -5.59 5.08 4.70
N VAL A 131 -5.34 5.51 5.93
CA VAL A 131 -4.53 6.68 6.20
C VAL A 131 -3.47 6.31 7.22
N PHE A 132 -2.23 6.13 6.78
CA PHE A 132 -1.13 5.78 7.66
C PHE A 132 0.17 6.54 7.35
N HIS A 133 1.29 6.09 7.92
CA HIS A 133 2.57 6.75 7.72
C HIS A 133 3.71 5.83 7.27
N GLN A 134 4.56 6.35 6.39
CA GLN A 134 5.72 5.61 5.91
C GLN A 134 6.96 6.45 6.21
N LEU A 135 8.12 5.85 6.04
CA LEU A 135 9.38 6.54 6.21
C LEU A 135 10.26 6.04 5.09
N GLU A 136 10.54 6.90 4.12
CA GLU A 136 11.39 6.54 2.99
C GLU A 136 12.84 6.85 3.33
N GLY A 137 13.73 6.20 2.59
CA GLY A 137 15.15 6.41 2.75
C GLY A 137 15.71 6.42 1.34
N LEU A 138 16.69 7.28 1.08
CA LEU A 138 17.30 7.36 -0.25
C LEU A 138 18.71 7.89 -0.11
N VAL A 139 19.67 7.07 -0.51
CA VAL A 139 21.07 7.43 -0.43
C VAL A 139 21.65 7.25 -1.84
N VAL A 140 21.97 8.36 -2.50
CA VAL A 140 22.54 8.31 -3.84
C VAL A 140 23.96 8.84 -3.80
N GLY A 141 24.79 8.38 -4.73
CA GLY A 141 26.16 8.83 -4.76
C GLY A 141 27.02 7.88 -5.56
N GLU A 142 28.14 8.37 -6.04
CA GLU A 142 29.05 7.53 -6.82
C GLU A 142 29.54 6.36 -5.97
N GLY A 143 29.49 5.15 -6.50
CA GLY A 143 29.99 4.00 -5.76
C GLY A 143 29.11 3.38 -4.69
N ILE A 144 27.89 3.87 -4.55
CA ILE A 144 26.98 3.33 -3.56
C ILE A 144 26.52 1.94 -3.99
N ALA A 145 26.64 0.96 -3.09
CA ALA A 145 26.28 -0.41 -3.43
C ALA A 145 25.23 -1.03 -2.50
N MET A 146 24.73 -2.20 -2.88
CA MET A 146 23.74 -2.87 -2.08
C MET A 146 24.29 -3.29 -0.71
N ALA A 147 25.62 -3.34 -0.61
CA ALA A 147 26.23 -3.71 0.67
C ALA A 147 25.91 -2.61 1.68
N HIS A 148 25.70 -1.39 1.19
CA HIS A 148 25.40 -0.24 2.03
C HIS A 148 23.94 -0.22 2.48
N LEU A 149 23.05 -0.70 1.63
CA LEU A 149 21.64 -0.74 1.98
C LEU A 149 21.54 -1.71 3.16
N LYS A 150 22.19 -2.87 3.01
CA LYS A 150 22.19 -3.89 4.04
C LYS A 150 22.80 -3.40 5.34
N GLY A 151 23.81 -2.53 5.26
CA GLY A 151 24.43 -2.02 6.48
C GLY A 151 23.52 -1.04 7.17
N ALA A 152 22.79 -0.25 6.39
CA ALA A 152 21.89 0.74 6.93
C ALA A 152 20.82 0.05 7.77
N ILE A 153 20.15 -0.92 7.17
CA ILE A 153 19.10 -1.68 7.85
C ILE A 153 19.66 -2.41 9.05
N TYR A 154 20.88 -2.93 8.92
CA TYR A 154 21.50 -3.61 10.05
C TYR A 154 21.56 -2.60 11.18
N GLU A 155 21.99 -1.39 10.87
CA GLU A 155 22.10 -0.35 11.88
C GLU A 155 20.73 0.03 12.41
N LEU A 156 19.73 0.06 11.53
CA LEU A 156 18.38 0.39 11.96
C LEU A 156 17.93 -0.59 13.03
N ALA A 157 18.09 -1.88 12.73
CA ALA A 157 17.70 -2.95 13.64
C ALA A 157 18.39 -2.82 14.99
N GLN A 158 19.72 -2.83 14.99
CA GLN A 158 20.48 -2.69 16.23
C GLN A 158 19.91 -1.56 17.08
N ALA A 159 19.73 -0.40 16.46
CA ALA A 159 19.22 0.77 17.14
C ALA A 159 17.80 0.59 17.66
N LEU A 160 17.05 -0.27 17.01
CA LEU A 160 15.66 -0.48 17.37
C LEU A 160 15.43 -1.68 18.29
N PHE A 161 16.26 -2.71 18.19
CA PHE A 161 16.03 -3.89 19.02
C PHE A 161 17.20 -4.44 19.83
N GLY A 162 18.33 -3.75 19.85
CA GLY A 162 19.44 -4.24 20.63
C GLY A 162 20.44 -5.09 19.89
N PRO A 163 21.55 -5.47 20.57
CA PRO A 163 22.64 -6.28 20.03
C PRO A 163 22.25 -7.67 19.59
N ASP A 164 21.13 -8.18 20.09
CA ASP A 164 20.71 -9.51 19.71
C ASP A 164 19.74 -9.47 18.54
N SER A 165 19.64 -8.32 17.90
CA SER A 165 18.77 -8.17 16.76
C SER A 165 19.56 -8.51 15.50
N LYS A 166 18.85 -8.79 14.42
CA LYS A 166 19.48 -9.13 13.15
C LYS A 166 18.53 -8.93 11.99
N VAL A 167 19.08 -8.60 10.82
CA VAL A 167 18.26 -8.36 9.65
C VAL A 167 18.30 -9.51 8.67
N ARG A 168 17.29 -9.55 7.80
CA ARG A 168 17.15 -10.58 6.78
C ARG A 168 16.62 -9.94 5.51
N PHE A 169 17.24 -10.24 4.37
CA PHE A 169 16.83 -9.70 3.07
C PHE A 169 16.41 -10.81 2.10
N GLN A 170 15.27 -10.62 1.46
CA GLN A 170 14.76 -11.58 0.49
C GLN A 170 14.41 -10.82 -0.78
N PRO A 171 14.67 -11.41 -1.94
CA PRO A 171 14.33 -10.68 -3.16
C PRO A 171 12.82 -10.42 -3.28
N VAL A 172 12.42 -9.19 -3.56
CA VAL A 172 11.00 -8.88 -3.77
C VAL A 172 10.95 -7.85 -4.89
N TYR A 173 9.76 -7.65 -5.47
CA TYR A 173 9.63 -6.73 -6.59
C TYR A 173 9.03 -5.34 -6.35
N PHE A 174 9.63 -4.35 -7.03
CA PHE A 174 9.21 -2.96 -7.00
C PHE A 174 9.68 -2.39 -8.34
N PRO A 175 8.81 -1.67 -9.06
CA PRO A 175 9.20 -1.10 -10.35
C PRO A 175 10.34 -0.06 -10.29
N PHE A 176 10.51 0.58 -9.12
CA PHE A 176 11.54 1.61 -8.94
C PHE A 176 12.90 1.15 -8.39
N VAL A 177 13.11 -0.17 -8.27
CA VAL A 177 14.40 -0.68 -7.82
C VAL A 177 14.78 -1.99 -8.49
N GLU A 178 16.08 -2.24 -8.55
CA GLU A 178 16.58 -3.45 -9.18
C GLU A 178 18.08 -3.48 -8.97
N PRO A 179 18.57 -4.41 -8.12
CA PRO A 179 17.81 -5.40 -7.36
C PRO A 179 16.76 -4.82 -6.40
N GLY A 180 15.70 -5.60 -6.18
CA GLY A 180 14.64 -5.19 -5.27
C GLY A 180 14.69 -6.10 -4.07
N ALA A 181 14.11 -5.70 -2.94
CA ALA A 181 14.15 -6.56 -1.77
C ALA A 181 13.17 -6.20 -0.66
N GLN A 182 12.90 -7.16 0.21
CA GLN A 182 12.05 -6.94 1.36
C GLN A 182 12.95 -7.33 2.52
N PHE A 183 12.85 -6.62 3.63
CA PHE A 183 13.67 -6.95 4.78
C PHE A 183 12.87 -7.12 6.07
N ALA A 184 13.37 -7.99 6.93
CA ALA A 184 12.74 -8.28 8.20
C ALA A 184 13.81 -8.17 9.26
N VAL A 185 13.40 -7.76 10.46
CA VAL A 185 14.34 -7.63 11.56
C VAL A 185 13.93 -8.60 12.63
N TRP A 186 14.92 -9.12 13.35
CA TRP A 186 14.65 -10.07 14.40
C TRP A 186 14.33 -9.35 15.68
N TRP A 187 13.19 -9.69 16.26
CA TRP A 187 12.74 -9.08 17.48
C TRP A 187 12.94 -10.08 18.61
N PRO A 188 14.09 -10.01 19.29
CA PRO A 188 14.40 -10.93 20.39
C PRO A 188 13.30 -11.17 21.43
N GLU A 189 12.69 -10.11 21.93
CA GLU A 189 11.62 -10.25 22.92
C GLU A 189 10.49 -11.12 22.39
N GLY A 190 9.71 -10.58 21.45
CA GLY A 190 8.60 -11.35 20.90
C GLY A 190 9.12 -12.57 20.16
N GLY A 191 10.44 -12.64 20.00
CA GLY A 191 11.06 -13.76 19.33
C GLY A 191 10.45 -14.13 18.00
N LYS A 192 10.53 -13.22 17.03
CA LYS A 192 10.00 -13.49 15.71
C LYS A 192 10.47 -12.45 14.70
N TRP A 193 10.42 -12.81 13.42
CA TRP A 193 10.82 -11.92 12.35
C TRP A 193 9.71 -10.98 11.95
N LEU A 194 9.96 -9.68 12.06
CA LEU A 194 8.98 -8.67 11.68
C LEU A 194 9.34 -8.16 10.29
N GLU A 195 8.42 -8.30 9.34
CA GLU A 195 8.68 -7.81 7.99
C GLU A 195 8.49 -6.30 8.08
N LEU A 196 9.60 -5.56 8.00
CA LEU A 196 9.61 -4.10 8.13
C LEU A 196 9.31 -3.24 6.91
N GLY A 197 10.02 -3.48 5.81
CA GLY A 197 9.78 -2.70 4.61
C GLY A 197 10.50 -3.27 3.40
N GLY A 198 10.36 -2.59 2.27
CA GLY A 198 11.01 -3.03 1.06
C GLY A 198 12.15 -2.10 0.78
N ALA A 199 13.03 -2.46 -0.14
CA ALA A 199 14.19 -1.63 -0.49
C ALA A 199 14.81 -2.14 -1.78
N GLY A 200 16.00 -1.66 -2.10
CA GLY A 200 16.66 -2.07 -3.32
C GLY A 200 17.50 -0.96 -3.93
N MET A 201 18.21 -1.27 -4.99
CA MET A 201 19.05 -0.27 -5.67
C MET A 201 18.19 0.50 -6.65
N VAL A 202 18.12 1.83 -6.49
CA VAL A 202 17.32 2.69 -7.36
C VAL A 202 17.35 2.20 -8.82
N HIS A 203 16.20 2.29 -9.48
CA HIS A 203 16.12 1.80 -10.86
C HIS A 203 16.65 2.78 -11.92
N PRO A 204 17.37 2.25 -12.92
CA PRO A 204 17.94 3.04 -14.00
C PRO A 204 16.92 4.03 -14.57
N LYS A 205 15.70 3.54 -14.79
CA LYS A 205 14.65 4.37 -15.33
C LYS A 205 14.22 5.49 -14.39
N VAL A 206 14.51 5.35 -13.10
CA VAL A 206 14.11 6.41 -12.17
C VAL A 206 15.10 7.54 -12.30
N PHE A 207 16.37 7.18 -12.47
CA PHE A 207 17.39 8.20 -12.62
C PHE A 207 17.14 8.96 -13.93
N GLN A 208 16.80 8.21 -14.98
CA GLN A 208 16.54 8.81 -16.28
C GLN A 208 15.35 9.78 -16.21
N ALA A 209 14.32 9.41 -15.45
CA ALA A 209 13.15 10.25 -15.30
C ALA A 209 13.54 11.58 -14.66
N VAL A 210 14.36 11.48 -13.61
CA VAL A 210 14.82 12.64 -12.90
C VAL A 210 15.60 13.56 -13.83
N ASP A 211 16.61 13.03 -14.50
CA ASP A 211 17.38 13.87 -15.39
C ASP A 211 16.59 14.42 -16.55
N ALA A 212 15.63 13.66 -17.05
CA ALA A 212 14.83 14.15 -18.16
C ALA A 212 14.01 15.36 -17.69
N TYR A 213 13.42 15.25 -16.51
CA TYR A 213 12.60 16.31 -15.95
C TYR A 213 13.47 17.52 -15.65
N ARG A 214 14.72 17.25 -15.29
CA ARG A 214 15.65 18.32 -15.02
C ARG A 214 15.88 19.13 -16.30
N GLU A 215 16.16 18.44 -17.40
CA GLU A 215 16.39 19.11 -18.67
C GLU A 215 15.20 19.99 -19.01
N ARG A 216 14.01 19.41 -18.91
CA ARG A 216 12.80 20.14 -19.21
C ARG A 216 12.70 21.40 -18.36
N LEU A 217 13.39 21.43 -17.22
CA LEU A 217 13.37 22.60 -16.34
C LEU A 217 14.62 23.45 -16.49
N GLY A 218 15.51 23.06 -17.40
CA GLY A 218 16.73 23.80 -17.62
C GLY A 218 17.93 23.43 -16.77
N LEU A 219 17.77 22.44 -15.88
CA LEU A 219 18.88 22.02 -15.03
C LEU A 219 19.72 20.97 -15.77
N PRO A 220 21.02 20.87 -15.43
CA PRO A 220 21.88 19.87 -16.07
C PRO A 220 21.76 18.47 -15.43
N PRO A 221 21.99 17.40 -16.20
CA PRO A 221 21.89 16.04 -15.66
C PRO A 221 22.80 15.85 -14.44
N ALA A 222 22.31 15.18 -13.42
CA ALA A 222 23.12 14.99 -12.22
C ALA A 222 23.21 13.55 -11.75
N TYR A 223 22.46 12.66 -12.39
CA TYR A 223 22.44 11.28 -11.96
C TYR A 223 22.88 10.26 -13.00
N ARG A 224 23.77 10.68 -13.89
CA ARG A 224 24.25 9.80 -14.95
C ARG A 224 25.29 8.79 -14.45
N GLY A 225 26.22 9.23 -13.62
CA GLY A 225 27.24 8.32 -13.14
C GLY A 225 27.25 8.06 -11.65
N VAL A 226 26.08 7.78 -11.11
CA VAL A 226 25.94 7.48 -9.70
C VAL A 226 24.94 6.35 -9.55
N THR A 227 24.99 5.66 -8.43
CA THR A 227 24.04 4.60 -8.15
C THR A 227 23.45 4.98 -6.81
N GLY A 228 22.57 4.15 -6.28
CA GLY A 228 21.99 4.48 -5.00
C GLY A 228 20.99 3.48 -4.54
N PHE A 229 20.65 3.54 -3.26
CA PHE A 229 19.68 2.63 -2.70
C PHE A 229 18.61 3.45 -2.00
N ALA A 230 17.43 2.86 -1.87
CA ALA A 230 16.31 3.50 -1.21
C ALA A 230 15.63 2.39 -0.45
N PHE A 231 14.76 2.77 0.49
CA PHE A 231 14.00 1.82 1.27
C PHE A 231 12.77 2.53 1.78
N GLY A 232 11.80 1.78 2.26
CA GLY A 232 10.57 2.36 2.78
C GLY A 232 9.95 1.45 3.83
N LEU A 233 9.52 2.02 4.95
CA LEU A 233 8.91 1.20 5.97
C LEU A 233 7.66 1.80 6.60
N GLY A 234 6.68 0.93 6.87
CA GLY A 234 5.43 1.36 7.49
C GLY A 234 5.68 1.72 8.94
N VAL A 235 5.18 2.89 9.35
CA VAL A 235 5.38 3.37 10.71
C VAL A 235 4.45 2.81 11.77
N GLU A 236 3.14 2.79 11.54
CA GLU A 236 2.18 2.28 12.54
C GLU A 236 2.46 0.86 12.99
N ARG A 237 2.61 -0.04 12.03
CA ARG A 237 2.88 -1.43 12.35
C ARG A 237 4.07 -1.53 13.32
N LEU A 238 5.03 -0.63 13.19
CA LEU A 238 6.22 -0.63 14.07
C LEU A 238 5.91 0.04 15.41
N ALA A 239 5.14 1.13 15.37
CA ALA A 239 4.77 1.85 16.57
C ALA A 239 3.94 0.93 17.46
N MET A 240 3.06 0.15 16.82
CA MET A 240 2.20 -0.78 17.53
C MET A 240 3.07 -1.84 18.22
N LEU A 241 3.95 -2.47 17.45
CA LEU A 241 4.82 -3.49 18.02
C LEU A 241 5.60 -2.90 19.17
N ARG A 242 6.12 -1.69 18.97
CA ARG A 242 6.94 -1.02 19.96
C ARG A 242 6.22 -0.50 21.20
N TYR A 243 5.10 0.18 21.03
CA TYR A 243 4.36 0.72 22.17
C TYR A 243 3.30 -0.25 22.67
N GLY A 244 3.19 -1.39 22.00
CA GLY A 244 2.20 -2.38 22.38
C GLY A 244 0.77 -1.92 22.16
N ILE A 245 0.48 -1.39 20.97
CA ILE A 245 -0.87 -0.93 20.64
C ILE A 245 -1.56 -2.09 19.93
N PRO A 246 -2.76 -2.48 20.39
CA PRO A 246 -3.53 -3.57 19.82
C PRO A 246 -4.32 -3.25 18.56
N ASP A 247 -4.79 -2.02 18.44
CA ASP A 247 -5.60 -1.63 17.29
C ASP A 247 -5.07 -0.39 16.56
N ILE A 248 -4.67 -0.58 15.31
CA ILE A 248 -4.12 0.50 14.48
C ILE A 248 -5.09 1.67 14.33
N ARG A 249 -6.36 1.39 14.53
CA ARG A 249 -7.38 2.42 14.40
C ARG A 249 -7.34 3.48 15.49
N TYR A 250 -6.61 3.20 16.57
CA TYR A 250 -6.50 4.15 17.67
C TYR A 250 -5.81 5.45 17.27
N PHE A 251 -4.71 5.33 16.54
CA PHE A 251 -3.91 6.48 16.12
C PHE A 251 -4.74 7.66 15.60
N PHE A 252 -5.65 7.40 14.67
CA PHE A 252 -6.49 8.46 14.15
C PHE A 252 -7.84 8.59 14.87
N GLY A 253 -8.02 7.79 15.93
CA GLY A 253 -9.24 7.82 16.70
C GLY A 253 -9.43 9.09 17.52
N GLY A 254 -8.34 9.78 17.87
CA GLY A 254 -8.45 11.01 18.62
C GLY A 254 -8.87 10.90 20.08
N ARG A 255 -8.94 9.68 20.59
CA ARG A 255 -9.34 9.49 21.99
C ARG A 255 -8.25 9.85 23.00
N LEU A 256 -8.56 10.79 23.90
CA LEU A 256 -7.62 11.24 24.91
C LEU A 256 -7.14 10.15 25.87
N LYS A 257 -8.05 9.29 26.34
CA LYS A 257 -7.69 8.22 27.26
C LYS A 257 -6.58 7.39 26.61
N PHE A 258 -6.53 7.45 25.28
CA PHE A 258 -5.54 6.72 24.51
C PHE A 258 -4.25 7.53 24.40
N LEU A 259 -4.37 8.72 23.81
CA LEU A 259 -3.23 9.60 23.62
C LEU A 259 -2.50 9.93 24.92
N GLU A 260 -3.24 10.36 25.92
CA GLU A 260 -2.63 10.71 27.20
C GLU A 260 -1.66 9.66 27.72
N GLN A 261 -1.82 8.43 27.26
CA GLN A 261 -0.95 7.34 27.68
C GLN A 261 0.49 7.44 27.19
N PHE A 262 0.78 8.40 26.31
CA PHE A 262 2.11 8.51 25.76
C PHE A 262 2.89 9.76 26.19
N LYS A 263 2.38 10.46 27.19
CA LYS A 263 3.06 11.65 27.68
C LYS A 263 4.45 11.25 28.14
N GLY A 264 4.51 10.25 29.02
CA GLY A 264 5.80 9.81 29.49
C GLY A 264 6.82 9.56 28.37
N VAL A 265 6.53 8.59 27.52
CA VAL A 265 7.40 8.21 26.40
C VAL A 265 8.21 9.38 25.87
N LEU A 266 9.49 9.40 26.23
CA LEU A 266 10.43 10.45 25.82
C LEU A 266 9.94 11.89 26.14
N MET B 1 -0.55 -18.53 -5.68
CA MET B 1 -0.47 -19.76 -6.50
C MET B 1 -0.27 -20.97 -5.60
N ARG B 2 -0.93 -22.08 -5.90
CA ARG B 2 -0.77 -23.27 -5.08
C ARG B 2 0.36 -24.10 -5.67
N VAL B 3 1.30 -24.49 -4.83
CA VAL B 3 2.41 -25.29 -5.30
C VAL B 3 2.44 -26.63 -4.59
N PRO B 4 1.95 -27.69 -5.27
CA PRO B 4 1.91 -29.05 -4.72
C PRO B 4 3.31 -29.65 -4.76
N PHE B 5 3.86 -29.92 -3.59
CA PHE B 5 5.20 -30.46 -3.48
C PHE B 5 5.55 -31.62 -4.43
N SER B 6 4.75 -32.68 -4.42
CA SER B 6 5.06 -33.82 -5.27
C SER B 6 4.97 -33.51 -6.76
N TRP B 7 4.16 -32.53 -7.12
CA TRP B 7 4.02 -32.17 -8.53
C TRP B 7 5.33 -31.50 -8.95
N LEU B 8 5.72 -30.48 -8.19
CA LEU B 8 6.95 -29.75 -8.47
C LEU B 8 8.13 -30.72 -8.46
N LYS B 9 8.12 -31.64 -7.52
CA LYS B 9 9.19 -32.63 -7.37
C LYS B 9 9.35 -33.47 -8.65
N ALA B 10 8.36 -33.45 -9.52
CA ALA B 10 8.44 -34.22 -10.75
C ALA B 10 9.41 -33.55 -11.71
N TYR B 11 9.55 -32.23 -11.59
CA TYR B 11 10.47 -31.48 -12.45
C TYR B 11 11.78 -31.28 -11.70
N VAL B 12 11.70 -31.21 -10.38
CA VAL B 12 12.86 -31.01 -9.52
C VAL B 12 12.92 -32.18 -8.50
N PRO B 13 13.26 -33.38 -8.98
CA PRO B 13 13.38 -34.63 -8.22
C PRO B 13 14.14 -34.62 -6.92
N GLU B 14 15.24 -33.89 -6.86
CA GLU B 14 16.08 -33.83 -5.66
C GLU B 14 15.62 -32.92 -4.53
N LEU B 15 14.39 -32.41 -4.59
CA LEU B 15 13.90 -31.52 -3.53
C LEU B 15 13.92 -32.22 -2.17
N GLU B 16 14.51 -31.56 -1.18
CA GLU B 16 14.65 -32.12 0.15
C GLU B 16 13.38 -32.33 0.96
N SER B 17 12.48 -31.36 0.90
CA SER B 17 11.23 -31.44 1.64
C SER B 17 10.43 -30.17 1.42
N PRO B 18 9.15 -30.16 1.79
CA PRO B 18 8.42 -28.92 1.58
C PRO B 18 8.96 -27.76 2.41
N GLU B 19 9.56 -28.07 3.57
CA GLU B 19 10.11 -27.04 4.44
C GLU B 19 11.33 -26.42 3.79
N VAL B 20 12.25 -27.26 3.31
CA VAL B 20 13.45 -26.77 2.66
C VAL B 20 13.07 -26.05 1.37
N LEU B 21 11.99 -26.49 0.74
CA LEU B 21 11.53 -25.87 -0.49
C LEU B 21 11.07 -24.45 -0.21
N GLU B 22 10.27 -24.29 0.84
CA GLU B 22 9.75 -22.98 1.21
C GLU B 22 10.91 -22.02 1.36
N GLU B 23 11.98 -22.53 1.95
CA GLU B 23 13.19 -21.79 2.19
C GLU B 23 13.84 -21.36 0.87
N ARG B 24 13.99 -22.33 -0.04
CA ARG B 24 14.61 -22.05 -1.31
C ARG B 24 13.81 -21.04 -2.15
N LEU B 25 12.50 -21.11 -2.09
CA LEU B 25 11.72 -20.17 -2.86
C LEU B 25 11.81 -18.78 -2.22
N ALA B 26 11.95 -18.72 -0.91
CA ALA B 26 12.07 -17.42 -0.26
C ALA B 26 13.27 -16.69 -0.83
N GLY B 27 14.41 -17.38 -0.86
CA GLY B 27 15.64 -16.78 -1.35
C GLY B 27 15.62 -16.46 -2.83
N LEU B 28 14.73 -17.12 -3.56
CA LEU B 28 14.59 -16.90 -5.00
C LEU B 28 13.68 -15.71 -5.30
N GLY B 29 12.96 -15.25 -4.26
CA GLY B 29 12.07 -14.13 -4.43
C GLY B 29 10.59 -14.46 -4.32
N PHE B 30 10.29 -15.66 -3.84
CA PHE B 30 8.89 -16.11 -3.71
C PHE B 30 8.54 -16.47 -2.27
N GLU B 31 7.65 -15.70 -1.67
CA GLU B 31 7.27 -15.95 -0.29
C GLU B 31 6.03 -16.82 -0.14
N THR B 32 6.10 -17.84 0.71
CA THR B 32 4.94 -18.69 0.90
C THR B 32 4.15 -18.20 2.11
N ASP B 33 2.87 -17.93 1.91
CA ASP B 33 2.00 -17.45 2.97
C ASP B 33 1.35 -18.58 3.74
N ARG B 34 1.67 -19.83 3.38
CA ARG B 34 1.09 -20.98 4.06
C ARG B 34 1.54 -22.34 3.51
N ILE B 35 1.61 -23.34 4.40
CA ILE B 35 1.98 -24.69 4.00
C ILE B 35 0.93 -25.65 4.55
N GLU B 36 0.29 -26.44 3.70
CA GLU B 36 -0.74 -27.37 4.15
C GLU B 36 -0.60 -28.81 3.70
N ARG B 37 -0.89 -29.74 4.60
CA ARG B 37 -0.85 -31.17 4.30
C ARG B 37 -2.29 -31.39 3.85
N VAL B 38 -2.53 -32.07 2.73
CA VAL B 38 -3.91 -32.14 2.28
C VAL B 38 -4.75 -33.38 1.99
N PHE B 39 -4.18 -34.55 1.71
CA PHE B 39 -5.14 -35.61 1.39
C PHE B 39 -5.25 -36.82 2.31
N PRO B 40 -5.68 -36.62 3.55
CA PRO B 40 -5.78 -37.80 4.42
C PRO B 40 -6.99 -38.64 4.01
N ILE B 41 -6.73 -39.89 3.66
CA ILE B 41 -7.78 -40.78 3.23
C ILE B 41 -7.69 -42.03 4.11
N PRO B 42 -8.76 -42.32 4.88
CA PRO B 42 -8.82 -43.47 5.79
C PRO B 42 -8.74 -44.75 4.99
N ARG B 43 -8.37 -45.83 5.66
CA ARG B 43 -8.25 -47.12 4.97
C ARG B 43 -9.61 -47.61 4.46
N GLY B 44 -10.68 -47.15 5.12
CA GLY B 44 -12.02 -47.54 4.72
C GLY B 44 -12.44 -47.14 3.32
N VAL B 45 -11.76 -46.15 2.74
CA VAL B 45 -12.11 -45.71 1.39
C VAL B 45 -11.31 -46.55 0.39
N VAL B 46 -12.02 -47.24 -0.49
CA VAL B 46 -11.37 -48.08 -1.48
C VAL B 46 -11.82 -47.72 -2.88
N PHE B 47 -11.08 -48.21 -3.85
CA PHE B 47 -11.42 -47.96 -5.24
C PHE B 47 -12.48 -48.97 -5.64
N ALA B 48 -13.47 -48.52 -6.39
CA ALA B 48 -14.53 -49.40 -6.80
C ALA B 48 -14.91 -49.17 -8.26
N ARG B 49 -15.52 -50.17 -8.85
CA ARG B 49 -15.93 -50.10 -10.24
C ARG B 49 -17.45 -50.22 -10.31
N VAL B 50 -18.09 -49.27 -10.98
CA VAL B 50 -19.54 -49.28 -11.11
C VAL B 50 -19.91 -50.24 -12.24
N LEU B 51 -20.30 -51.46 -11.87
CA LEU B 51 -20.67 -52.49 -12.83
C LEU B 51 -21.98 -52.11 -13.46
N GLU B 52 -22.88 -51.55 -12.65
CA GLU B 52 -24.16 -51.11 -13.15
C GLU B 52 -24.90 -50.15 -12.23
N ALA B 53 -25.70 -49.30 -12.83
CA ALA B 53 -26.50 -48.32 -12.11
C ALA B 53 -27.94 -48.66 -12.41
N HIS B 54 -28.77 -48.65 -11.37
CA HIS B 54 -30.20 -48.96 -11.51
C HIS B 54 -30.99 -47.92 -10.77
N PRO B 55 -31.81 -47.15 -11.48
CA PRO B 55 -32.59 -46.15 -10.75
C PRO B 55 -33.69 -46.78 -9.90
N ILE B 56 -33.86 -46.27 -8.68
CA ILE B 56 -34.88 -46.75 -7.75
C ILE B 56 -36.22 -46.14 -8.20
N PRO B 57 -37.21 -46.99 -8.51
CA PRO B 57 -38.55 -46.57 -8.97
C PRO B 57 -39.24 -45.61 -8.01
N GLY B 58 -39.68 -44.47 -8.54
CA GLY B 58 -40.37 -43.52 -7.71
C GLY B 58 -39.44 -42.53 -7.03
N THR B 59 -38.15 -42.81 -7.08
CA THR B 59 -37.16 -41.92 -6.47
C THR B 59 -36.25 -41.35 -7.54
N ARG B 60 -35.43 -40.39 -7.15
CA ARG B 60 -34.47 -39.84 -8.07
C ARG B 60 -33.09 -40.29 -7.58
N LEU B 61 -33.08 -41.49 -6.98
CA LEU B 61 -31.86 -42.11 -6.47
C LEU B 61 -31.56 -43.34 -7.33
N LYS B 62 -30.32 -43.84 -7.26
CA LYS B 62 -29.93 -44.99 -8.05
C LYS B 62 -29.25 -46.04 -7.21
N ARG B 63 -29.45 -47.30 -7.59
CA ARG B 63 -28.82 -48.41 -6.89
C ARG B 63 -27.59 -48.76 -7.72
N LEU B 64 -26.42 -48.54 -7.14
CA LEU B 64 -25.19 -48.83 -7.84
C LEU B 64 -24.69 -50.20 -7.43
N VAL B 65 -24.35 -51.02 -8.42
CA VAL B 65 -23.79 -52.35 -8.17
C VAL B 65 -22.28 -52.12 -8.37
N LEU B 66 -21.50 -52.23 -7.30
CA LEU B 66 -20.06 -51.98 -7.37
C LEU B 66 -19.13 -53.17 -7.22
N ASP B 67 -18.09 -53.21 -8.04
CA ASP B 67 -17.09 -54.24 -7.92
C ASP B 67 -16.07 -53.59 -7.00
N ALA B 68 -15.97 -54.08 -5.77
CA ALA B 68 -15.04 -53.53 -4.78
C ALA B 68 -14.23 -54.66 -4.20
N GLY B 69 -13.89 -55.64 -5.04
CA GLY B 69 -13.17 -56.82 -4.59
C GLY B 69 -14.27 -57.86 -4.63
N ARG B 70 -15.25 -57.65 -3.77
CA ARG B 70 -16.44 -58.48 -3.67
C ARG B 70 -17.49 -57.55 -4.29
N THR B 71 -18.68 -58.04 -4.61
CA THR B 71 -19.68 -57.16 -5.18
C THR B 71 -20.52 -56.51 -4.09
N VAL B 72 -20.67 -55.20 -4.15
CA VAL B 72 -21.45 -54.51 -3.14
C VAL B 72 -22.42 -53.52 -3.77
N GLU B 73 -23.47 -53.20 -3.03
CA GLU B 73 -24.46 -52.25 -3.51
C GLU B 73 -24.37 -51.01 -2.67
N VAL B 74 -24.76 -49.90 -3.27
CA VAL B 74 -24.70 -48.63 -2.60
C VAL B 74 -25.80 -47.80 -3.26
N VAL B 75 -26.36 -46.82 -2.56
CA VAL B 75 -27.39 -45.98 -3.15
C VAL B 75 -26.82 -44.59 -3.36
N SER B 76 -27.06 -44.01 -4.53
CA SER B 76 -26.55 -42.67 -4.81
C SER B 76 -27.53 -41.75 -5.53
N GLY B 77 -27.48 -40.48 -5.18
CA GLY B 77 -28.35 -39.51 -5.81
C GLY B 77 -27.59 -38.62 -6.79
N ALA B 78 -26.30 -38.91 -6.96
CA ALA B 78 -25.44 -38.13 -7.85
C ALA B 78 -25.78 -38.25 -9.35
N GLU B 79 -25.91 -37.11 -10.03
CA GLU B 79 -26.24 -37.12 -11.45
C GLU B 79 -25.24 -37.83 -12.33
N ASN B 80 -23.96 -37.79 -11.98
CA ASN B 80 -22.93 -38.43 -12.77
C ASN B 80 -22.76 -39.91 -12.48
N ALA B 81 -23.45 -40.41 -11.46
CA ALA B 81 -23.36 -41.81 -11.09
C ALA B 81 -23.87 -42.66 -12.24
N ARG B 82 -22.97 -43.40 -12.88
CA ARG B 82 -23.32 -44.23 -14.03
C ARG B 82 -22.39 -45.41 -14.06
N LYS B 83 -22.67 -46.37 -14.92
CA LYS B 83 -21.80 -47.54 -15.00
C LYS B 83 -20.63 -47.23 -15.90
N GLY B 84 -19.53 -47.94 -15.69
CA GLY B 84 -18.37 -47.72 -16.53
C GLY B 84 -17.32 -46.81 -15.95
N ILE B 85 -17.55 -46.22 -14.78
CA ILE B 85 -16.56 -45.35 -14.18
C ILE B 85 -16.08 -45.98 -12.88
N GLY B 86 -15.00 -45.44 -12.34
CA GLY B 86 -14.47 -45.92 -11.08
C GLY B 86 -14.89 -44.86 -10.07
N VAL B 87 -15.14 -45.27 -8.83
CA VAL B 87 -15.56 -44.33 -7.80
C VAL B 87 -14.79 -44.54 -6.50
N ALA B 88 -14.87 -43.57 -5.60
CA ALA B 88 -14.23 -43.68 -4.30
C ALA B 88 -15.32 -44.24 -3.37
N LEU B 89 -15.13 -45.49 -2.94
CA LEU B 89 -16.09 -46.15 -2.07
C LEU B 89 -15.69 -46.15 -0.62
N ALA B 90 -16.41 -45.40 0.20
CA ALA B 90 -16.14 -45.36 1.65
C ALA B 90 -16.99 -46.48 2.26
N LEU B 91 -16.32 -47.52 2.75
CA LEU B 91 -17.02 -48.66 3.34
C LEU B 91 -17.56 -48.35 4.72
N PRO B 92 -18.55 -49.14 5.18
CA PRO B 92 -19.11 -48.88 6.52
C PRO B 92 -18.01 -48.92 7.57
N GLY B 93 -18.04 -47.93 8.45
CA GLY B 93 -17.04 -47.84 9.50
C GLY B 93 -16.00 -46.76 9.25
N THR B 94 -15.99 -46.22 8.03
CA THR B 94 -15.04 -45.19 7.67
C THR B 94 -15.28 -43.80 8.27
N GLU B 95 -14.22 -43.22 8.80
CA GLU B 95 -14.28 -41.88 9.37
C GLU B 95 -13.93 -40.90 8.26
N LEU B 96 -14.92 -40.20 7.73
CA LEU B 96 -14.67 -39.25 6.66
C LEU B 96 -14.54 -37.85 7.25
N PRO B 97 -13.58 -37.06 6.76
CA PRO B 97 -13.40 -35.71 7.28
C PRO B 97 -14.70 -34.93 7.09
N GLY B 98 -15.10 -34.81 5.82
CA GLY B 98 -16.31 -34.08 5.47
C GLY B 98 -17.51 -34.47 6.33
N LEU B 99 -17.72 -35.78 6.49
CA LEU B 99 -18.92 -35.67 7.75
C LEU B 99 -18.91 -35.60 9.27
N GLY B 100 -17.77 -35.93 9.87
CA GLY B 100 -17.70 -35.91 11.32
C GLY B 100 -18.16 -37.24 11.89
N GLN B 101 -19.36 -37.67 11.50
CA GLN B 101 -19.91 -38.95 11.94
C GLN B 101 -19.35 -40.08 11.07
N LYS B 102 -19.48 -41.30 11.57
CA LYS B 102 -18.96 -42.46 10.87
C LYS B 102 -19.85 -42.94 9.73
N VAL B 103 -19.23 -43.50 8.70
CA VAL B 103 -19.97 -44.02 7.56
C VAL B 103 -20.43 -45.41 7.95
N GLY B 104 -21.60 -45.79 7.47
CA GLY B 104 -22.10 -47.11 7.82
C GLY B 104 -23.01 -47.74 6.80
N GLU B 105 -23.46 -48.93 7.14
CA GLU B 105 -24.36 -49.68 6.29
C GLU B 105 -25.77 -49.21 6.62
N ARG B 106 -26.47 -48.61 5.67
CA ARG B 106 -27.81 -48.18 6.00
C ARG B 106 -28.85 -48.40 4.91
N VAL B 107 -30.10 -48.44 5.31
CA VAL B 107 -31.17 -48.68 4.37
C VAL B 107 -31.73 -47.38 3.80
N ILE B 108 -31.71 -47.27 2.47
CA ILE B 108 -32.22 -46.10 1.79
C ILE B 108 -33.15 -46.58 0.68
N GLN B 109 -34.37 -46.08 0.69
CA GLN B 109 -35.37 -46.42 -0.31
C GLN B 109 -35.44 -47.89 -0.73
N GLY B 110 -35.45 -48.81 0.24
CA GLY B 110 -35.56 -50.22 -0.07
C GLY B 110 -34.28 -50.98 -0.31
N VAL B 111 -33.15 -50.30 -0.42
CA VAL B 111 -31.91 -51.03 -0.64
C VAL B 111 -30.87 -50.72 0.42
N ARG B 112 -30.07 -51.73 0.75
CA ARG B 112 -29.02 -51.59 1.75
C ARG B 112 -27.78 -50.99 1.11
N SER B 113 -27.53 -49.72 1.43
CA SER B 113 -26.36 -49.05 0.91
C SER B 113 -25.20 -49.48 1.79
N PHE B 114 -24.25 -50.19 1.19
CA PHE B 114 -23.10 -50.66 1.93
C PHE B 114 -22.02 -49.56 1.91
N GLY B 115 -22.24 -48.53 2.70
CA GLY B 115 -21.31 -47.40 2.70
C GLY B 115 -21.85 -46.47 1.63
N MET B 116 -20.98 -45.66 1.03
CA MET B 116 -21.42 -44.74 -0.01
C MET B 116 -20.28 -44.31 -0.91
N ALA B 117 -20.61 -43.89 -2.13
CA ALA B 117 -19.64 -43.42 -3.10
C ALA B 117 -19.44 -41.95 -2.76
N LEU B 118 -18.19 -41.49 -2.77
CA LEU B 118 -17.90 -40.13 -2.38
C LEU B 118 -17.82 -39.04 -3.44
N SER B 119 -17.94 -37.81 -2.99
CA SER B 119 -17.82 -36.67 -3.86
C SER B 119 -16.50 -36.00 -3.44
N PRO B 120 -15.98 -35.08 -4.26
CA PRO B 120 -14.72 -34.44 -3.88
C PRO B 120 -14.81 -33.88 -2.45
N ARG B 121 -15.94 -33.25 -2.15
CA ARG B 121 -16.15 -32.65 -0.83
C ARG B 121 -16.23 -33.65 0.30
N GLU B 122 -16.83 -34.81 0.03
CA GLU B 122 -16.94 -35.82 1.07
C GLU B 122 -15.61 -36.50 1.34
N LEU B 123 -14.86 -36.79 0.29
CA LEU B 123 -13.56 -37.42 0.48
C LEU B 123 -12.67 -36.36 1.07
N GLY B 124 -12.98 -35.11 0.75
CA GLY B 124 -12.23 -33.98 1.25
C GLY B 124 -11.02 -33.59 0.43
N VAL B 125 -11.13 -33.66 -0.89
CA VAL B 125 -10.02 -33.32 -1.77
C VAL B 125 -10.33 -32.06 -2.54
N GLY B 126 -11.60 -31.69 -2.55
CA GLY B 126 -12.02 -30.50 -3.24
C GLY B 126 -13.29 -29.97 -2.62
N GLU B 127 -13.63 -28.74 -2.95
CA GLU B 127 -14.83 -28.14 -2.38
C GLU B 127 -16.09 -28.63 -3.09
N TYR B 128 -15.92 -29.18 -4.30
CA TYR B 128 -17.04 -29.66 -5.10
C TYR B 128 -17.78 -30.81 -4.45
N GLY B 129 -19.09 -30.68 -4.37
CA GLY B 129 -19.90 -31.72 -3.77
C GLY B 129 -21.15 -32.03 -4.57
N GLY B 130 -21.16 -31.67 -5.85
CA GLY B 130 -22.34 -31.92 -6.66
C GLY B 130 -22.33 -33.18 -7.51
N GLY B 131 -21.44 -34.11 -7.19
CA GLY B 131 -21.35 -35.32 -7.97
C GLY B 131 -20.28 -36.24 -7.44
N LEU B 132 -20.21 -37.46 -7.96
CA LEU B 132 -19.20 -38.38 -7.49
C LEU B 132 -17.84 -38.08 -8.09
N LEU B 133 -16.79 -38.57 -7.45
CA LEU B 133 -15.46 -38.42 -8.00
C LEU B 133 -15.56 -39.43 -9.15
N GLU B 134 -15.01 -39.11 -10.32
CA GLU B 134 -15.04 -40.02 -11.45
C GLU B 134 -13.62 -40.45 -11.77
N PHE B 135 -13.33 -41.74 -11.62
CA PHE B 135 -12.01 -42.24 -11.91
C PHE B 135 -12.07 -43.16 -13.12
N PRO B 136 -10.90 -43.55 -13.65
CA PRO B 136 -10.88 -44.45 -14.79
C PRO B 136 -11.31 -45.81 -14.23
N GLU B 137 -12.24 -46.47 -14.90
CA GLU B 137 -12.73 -47.75 -14.43
C GLU B 137 -11.65 -48.77 -14.07
N ASP B 138 -10.46 -48.60 -14.63
CA ASP B 138 -9.35 -49.52 -14.39
C ASP B 138 -8.21 -48.89 -13.60
N ALA B 139 -8.46 -47.71 -13.04
CA ALA B 139 -7.44 -47.00 -12.28
C ALA B 139 -6.70 -47.93 -11.31
N LEU B 140 -7.46 -48.78 -10.62
CA LEU B 140 -6.88 -49.69 -9.65
C LEU B 140 -7.59 -51.04 -9.60
N PRO B 141 -7.01 -51.99 -8.86
CA PRO B 141 -7.60 -53.32 -8.71
C PRO B 141 -8.73 -53.08 -7.70
N PRO B 142 -9.96 -53.48 -8.05
CA PRO B 142 -11.11 -53.28 -7.18
C PRO B 142 -10.85 -53.63 -5.71
N GLY B 143 -11.19 -52.68 -4.84
CA GLY B 143 -11.02 -52.91 -3.43
C GLY B 143 -9.70 -52.43 -2.85
N THR B 144 -8.76 -52.03 -3.69
CA THR B 144 -7.51 -51.56 -3.14
C THR B 144 -7.73 -50.20 -2.47
N PRO B 145 -7.17 -50.00 -1.28
CA PRO B 145 -7.33 -48.73 -0.57
C PRO B 145 -6.89 -47.57 -1.46
N LEU B 146 -7.74 -46.55 -1.56
CA LEU B 146 -7.44 -45.41 -2.40
C LEU B 146 -6.13 -44.69 -2.05
N SER B 147 -5.75 -44.70 -0.78
CA SER B 147 -4.49 -44.07 -0.34
C SER B 147 -3.33 -44.57 -1.16
N GLU B 148 -3.32 -45.87 -1.40
CA GLU B 148 -2.25 -46.52 -2.16
C GLU B 148 -2.00 -45.95 -3.54
N ALA B 149 -2.85 -45.02 -3.98
CA ALA B 149 -2.68 -44.42 -5.30
C ALA B 149 -3.02 -42.95 -5.19
N TRP B 150 -3.25 -42.50 -3.96
CA TRP B 150 -3.60 -41.11 -3.69
C TRP B 150 -3.10 -40.77 -2.29
N PRO B 151 -1.78 -40.57 -2.16
CA PRO B 151 -1.14 -40.23 -0.88
C PRO B 151 -1.45 -38.79 -0.49
N GLU B 152 -1.15 -38.44 0.75
CA GLU B 152 -1.39 -37.08 1.19
C GLU B 152 -0.39 -36.20 0.45
N GLU B 153 -0.68 -34.92 0.38
CA GLU B 153 0.19 -33.99 -0.33
C GLU B 153 0.40 -32.74 0.52
N VAL B 154 1.53 -32.08 0.31
CA VAL B 154 1.81 -30.85 1.04
C VAL B 154 1.76 -29.75 0.00
N VAL B 155 0.98 -28.71 0.27
CA VAL B 155 0.83 -27.62 -0.67
C VAL B 155 1.28 -26.25 -0.17
N LEU B 156 2.18 -25.62 -0.91
CA LEU B 156 2.65 -24.30 -0.53
C LEU B 156 1.82 -23.22 -1.22
N ASP B 157 1.37 -22.24 -0.43
CA ASP B 157 0.60 -21.13 -0.96
C ASP B 157 1.65 -20.06 -1.28
N LEU B 158 2.07 -20.03 -2.54
CA LEU B 158 3.11 -19.13 -3.01
C LEU B 158 2.68 -17.80 -3.59
N GLU B 159 3.43 -16.74 -3.21
CA GLU B 159 3.18 -15.41 -3.74
C GLU B 159 4.04 -15.27 -4.99
N VAL B 160 3.43 -14.95 -6.12
CA VAL B 160 4.18 -14.78 -7.35
C VAL B 160 4.01 -13.35 -7.86
N THR B 161 5.01 -12.51 -7.56
CA THR B 161 4.97 -11.11 -7.98
C THR B 161 4.86 -10.92 -9.51
N PRO B 162 4.20 -9.83 -9.93
CA PRO B 162 3.97 -9.48 -11.34
C PRO B 162 5.18 -9.54 -12.25
N ASN B 163 6.38 -9.33 -11.71
CA ASN B 163 7.58 -9.37 -12.52
C ASN B 163 7.98 -10.77 -12.97
N ARG B 164 7.49 -11.79 -12.28
CA ARG B 164 7.82 -13.17 -12.64
C ARG B 164 6.65 -13.98 -13.17
N PRO B 165 6.02 -13.54 -14.28
CA PRO B 165 4.88 -14.29 -14.81
C PRO B 165 5.26 -15.72 -15.22
N ASP B 166 6.55 -15.96 -15.48
CA ASP B 166 6.98 -17.29 -15.85
C ASP B 166 6.80 -18.22 -14.64
N ALA B 167 6.74 -17.65 -13.45
CA ALA B 167 6.58 -18.43 -12.22
C ALA B 167 5.13 -18.82 -11.96
N LEU B 168 4.25 -18.50 -12.89
CA LEU B 168 2.84 -18.87 -12.77
C LEU B 168 2.70 -20.21 -13.49
N GLY B 169 3.85 -20.86 -13.65
CA GLY B 169 3.96 -22.15 -14.28
C GLY B 169 4.91 -22.91 -13.37
N LEU B 170 4.51 -24.09 -12.95
CA LEU B 170 5.32 -24.91 -12.06
C LEU B 170 6.71 -25.22 -12.63
N LEU B 171 6.81 -25.38 -13.95
CA LEU B 171 8.09 -25.66 -14.59
C LEU B 171 8.96 -24.39 -14.54
N GLY B 172 8.31 -23.23 -14.54
CA GLY B 172 9.04 -21.97 -14.47
C GLY B 172 9.73 -21.92 -13.13
N LEU B 173 9.00 -22.31 -12.09
CA LEU B 173 9.53 -22.36 -10.74
C LEU B 173 10.71 -23.34 -10.72
N ALA B 174 10.50 -24.48 -11.38
CA ALA B 174 11.51 -25.53 -11.48
C ALA B 174 12.82 -24.99 -12.03
N ARG B 175 12.72 -24.08 -12.99
CA ARG B 175 13.91 -23.51 -13.61
C ARG B 175 14.70 -22.68 -12.60
N ASP B 176 13.99 -21.87 -11.80
CA ASP B 176 14.69 -21.07 -10.80
C ASP B 176 15.45 -22.00 -9.84
N LEU B 177 14.81 -23.09 -9.44
CA LEU B 177 15.44 -24.04 -8.54
C LEU B 177 16.64 -24.68 -9.19
N HIS B 178 16.54 -24.87 -10.51
CA HIS B 178 17.63 -25.44 -11.27
C HIS B 178 18.83 -24.51 -11.22
N ALA B 179 18.58 -23.21 -11.36
CA ALA B 179 19.64 -22.21 -11.31
C ALA B 179 20.42 -22.30 -10.00
N LEU B 180 19.73 -22.75 -8.96
CA LEU B 180 20.31 -22.91 -7.64
C LEU B 180 21.21 -24.13 -7.63
N GLY B 181 21.01 -25.02 -8.59
CA GLY B 181 21.83 -26.21 -8.65
C GLY B 181 21.09 -27.52 -8.72
N TYR B 182 19.77 -27.52 -8.54
CA TYR B 182 19.00 -28.76 -8.61
C TYR B 182 18.90 -29.26 -10.03
N ALA B 183 18.88 -30.58 -10.17
CA ALA B 183 18.74 -31.19 -11.49
C ALA B 183 17.31 -30.87 -11.92
N LEU B 184 17.13 -30.59 -13.22
CA LEU B 184 15.82 -30.23 -13.77
C LEU B 184 15.32 -31.29 -14.75
N VAL B 185 14.09 -31.74 -14.55
CA VAL B 185 13.52 -32.71 -15.47
C VAL B 185 12.40 -32.05 -16.23
N GLU B 186 12.57 -31.92 -17.54
CA GLU B 186 11.56 -31.34 -18.40
C GLU B 186 10.84 -32.49 -19.05
N PRO B 187 9.50 -32.44 -19.07
CA PRO B 187 8.69 -33.51 -19.68
C PRO B 187 8.93 -33.62 -21.18
N GLU B 188 9.00 -34.85 -21.68
CA GLU B 188 9.21 -35.04 -23.11
C GLU B 188 7.86 -35.24 -23.80
N ALA B 189 7.58 -34.40 -24.78
CA ALA B 189 6.34 -34.47 -25.52
C ALA B 189 6.42 -35.50 -26.64
N ALA B 190 6.30 -36.76 -26.29
CA ALA B 190 6.34 -37.84 -27.27
C ALA B 190 5.07 -37.79 -28.12
N LEU B 191 5.20 -37.25 -29.32
CA LEU B 191 4.05 -37.15 -30.20
C LEU B 191 4.24 -38.00 -31.45
N LYS B 192 3.16 -38.61 -31.90
CA LYS B 192 3.18 -39.42 -33.12
C LYS B 192 2.16 -38.74 -34.04
N ALA B 193 2.60 -37.67 -34.70
CA ALA B 193 1.73 -36.90 -35.58
C ALA B 193 1.48 -37.56 -36.92
N GLU B 194 0.50 -37.03 -37.64
CA GLU B 194 0.13 -37.53 -38.94
C GLU B 194 0.01 -36.38 -39.92
N ALA B 195 0.80 -36.43 -40.99
CA ALA B 195 0.75 -35.38 -41.99
C ALA B 195 -0.57 -35.47 -42.74
N LEU B 196 -1.48 -34.56 -42.42
CA LEU B 196 -2.79 -34.49 -43.06
C LEU B 196 -3.34 -33.09 -42.80
N PRO B 197 -4.25 -32.61 -43.65
CA PRO B 197 -4.81 -31.27 -43.49
C PRO B 197 -5.77 -31.07 -42.32
N LEU B 198 -5.72 -29.86 -41.75
CA LEU B 198 -6.60 -29.51 -40.65
C LEU B 198 -7.94 -29.12 -41.24
N PRO B 199 -9.01 -29.80 -40.85
CA PRO B 199 -10.35 -29.52 -41.38
C PRO B 199 -10.99 -28.21 -40.94
N PHE B 200 -10.20 -27.13 -40.91
CA PHE B 200 -10.72 -25.83 -40.53
C PHE B 200 -9.66 -24.76 -40.77
N ALA B 201 -10.09 -23.50 -40.80
CA ALA B 201 -9.16 -22.42 -41.04
C ALA B 201 -9.03 -21.48 -39.86
N LEU B 202 -7.99 -20.66 -39.90
CA LEU B 202 -7.73 -19.67 -38.87
C LEU B 202 -7.66 -18.31 -39.54
N LYS B 203 -8.41 -17.35 -39.00
CA LYS B 203 -8.46 -16.01 -39.54
C LYS B 203 -8.37 -15.06 -38.36
N VAL B 204 -7.18 -14.52 -38.12
CA VAL B 204 -6.99 -13.58 -37.02
C VAL B 204 -7.24 -12.17 -37.50
N GLU B 205 -8.46 -11.70 -37.29
CA GLU B 205 -8.86 -10.37 -37.71
C GLU B 205 -8.36 -9.24 -36.84
N ASP B 206 -7.77 -9.57 -35.69
CA ASP B 206 -7.27 -8.54 -34.79
C ASP B 206 -5.93 -8.92 -34.17
N PRO B 207 -4.85 -8.77 -34.95
CA PRO B 207 -3.49 -9.08 -34.48
C PRO B 207 -3.02 -8.23 -33.30
N GLU B 208 -3.71 -7.13 -33.05
CA GLU B 208 -3.33 -6.27 -31.93
C GLU B 208 -3.56 -7.10 -30.67
N GLY B 209 -4.77 -7.63 -30.57
CA GLY B 209 -5.15 -8.44 -29.41
C GLY B 209 -4.55 -9.83 -29.41
N ALA B 210 -4.40 -10.44 -30.57
CA ALA B 210 -3.83 -11.77 -30.66
C ALA B 210 -2.50 -11.80 -31.44
N PRO B 211 -1.46 -11.17 -30.88
CA PRO B 211 -0.11 -11.09 -31.46
C PRO B 211 0.45 -12.42 -31.95
N HIS B 212 0.21 -13.50 -31.21
CA HIS B 212 0.70 -14.82 -31.63
C HIS B 212 -0.43 -15.80 -31.33
N PHE B 213 -0.95 -16.47 -32.35
CA PHE B 213 -2.09 -17.37 -32.14
C PHE B 213 -1.98 -18.68 -32.92
N THR B 214 -1.90 -19.80 -32.20
CA THR B 214 -1.81 -21.10 -32.87
C THR B 214 -3.02 -21.99 -32.60
N LEU B 215 -3.21 -22.99 -33.46
CA LEU B 215 -4.30 -23.95 -33.32
C LEU B 215 -3.79 -25.37 -33.62
N GLY B 216 -4.11 -26.29 -32.72
CA GLY B 216 -3.70 -27.68 -32.88
C GLY B 216 -4.93 -28.50 -33.27
N TYR B 217 -4.68 -29.65 -33.89
CA TYR B 217 -5.78 -30.52 -34.31
C TYR B 217 -5.62 -31.93 -33.77
N ALA B 218 -6.56 -32.35 -32.93
CA ALA B 218 -6.57 -33.68 -32.35
C ALA B 218 -7.95 -34.28 -32.62
N PHE B 219 -7.96 -35.49 -33.19
CA PHE B 219 -9.22 -36.17 -33.48
C PHE B 219 -9.12 -37.60 -33.01
N GLY B 220 -10.20 -38.37 -33.16
CA GLY B 220 -10.19 -39.74 -32.73
C GLY B 220 -10.11 -39.80 -31.21
N LEU B 221 -10.67 -38.77 -30.58
CA LEU B 221 -10.68 -38.64 -29.14
C LEU B 221 -11.63 -39.58 -28.40
N ARG B 222 -11.12 -40.15 -27.32
CA ARG B 222 -11.88 -41.05 -26.46
C ARG B 222 -11.94 -40.35 -25.09
N VAL B 223 -12.80 -39.34 -25.00
CA VAL B 223 -12.98 -38.57 -23.76
C VAL B 223 -13.37 -39.46 -22.59
N ALA B 224 -12.74 -39.25 -21.44
CA ALA B 224 -12.98 -40.05 -20.25
C ALA B 224 -12.29 -39.41 -19.04
N PRO B 225 -12.43 -40.02 -17.85
CA PRO B 225 -11.79 -39.46 -16.65
C PRO B 225 -10.26 -39.40 -16.76
N SER B 226 -9.65 -38.53 -15.98
CA SER B 226 -8.19 -38.40 -15.98
C SER B 226 -7.60 -39.44 -15.06
N PRO B 227 -6.32 -39.78 -15.28
CA PRO B 227 -5.64 -40.77 -14.45
C PRO B 227 -5.66 -40.23 -13.00
N LEU B 228 -5.51 -41.12 -12.02
CA LEU B 228 -5.52 -40.66 -10.65
C LEU B 228 -4.45 -39.61 -10.35
N TRP B 229 -3.25 -39.78 -10.91
CA TRP B 229 -2.18 -38.82 -10.65
C TRP B 229 -2.54 -37.41 -11.11
N MET B 230 -3.27 -37.28 -12.22
CA MET B 230 -3.62 -35.96 -12.68
C MET B 230 -4.70 -35.31 -11.81
N GLN B 231 -5.71 -36.10 -11.44
CA GLN B 231 -6.77 -35.57 -10.60
C GLN B 231 -6.16 -35.09 -9.28
N ARG B 232 -5.30 -35.91 -8.69
CA ARG B 232 -4.64 -35.56 -7.44
C ARG B 232 -3.91 -34.22 -7.63
N ALA B 233 -3.11 -34.15 -8.69
CA ALA B 233 -2.36 -32.94 -9.00
C ALA B 233 -3.26 -31.72 -9.14
N LEU B 234 -4.27 -31.85 -10.00
CA LEU B 234 -5.19 -30.76 -10.23
C LEU B 234 -5.90 -30.31 -8.96
N PHE B 235 -6.36 -31.27 -8.15
CA PHE B 235 -7.05 -30.94 -6.92
C PHE B 235 -6.15 -30.17 -5.99
N ALA B 236 -4.93 -30.66 -5.81
CA ALA B 236 -3.98 -30.01 -4.94
C ALA B 236 -3.74 -28.56 -5.38
N ALA B 237 -3.83 -28.31 -6.68
CA ALA B 237 -3.59 -26.98 -7.19
C ALA B 237 -4.82 -26.07 -7.16
N GLY B 238 -5.86 -26.51 -6.50
CA GLY B 238 -7.06 -25.70 -6.42
C GLY B 238 -8.05 -25.89 -7.55
N MET B 239 -7.73 -26.72 -8.54
CA MET B 239 -8.66 -26.94 -9.62
C MET B 239 -9.38 -28.27 -9.50
N ARG B 240 -10.48 -28.39 -10.25
CA ARG B 240 -11.28 -29.60 -10.22
C ARG B 240 -11.27 -30.34 -11.56
N PRO B 241 -10.91 -31.62 -11.53
CA PRO B 241 -10.88 -32.40 -12.78
C PRO B 241 -12.25 -32.50 -13.44
N ILE B 242 -12.26 -32.47 -14.77
CA ILE B 242 -13.50 -32.55 -15.52
C ILE B 242 -13.48 -33.81 -16.37
N ASN B 243 -12.40 -33.98 -17.13
CA ASN B 243 -12.18 -35.15 -17.98
C ASN B 243 -10.86 -35.03 -18.73
N ASN B 244 -10.50 -36.12 -19.40
CA ASN B 244 -9.31 -36.23 -20.23
C ASN B 244 -8.72 -34.90 -20.73
N VAL B 245 -9.35 -34.43 -21.80
CA VAL B 245 -8.98 -33.25 -22.51
C VAL B 245 -8.98 -31.95 -21.70
N VAL B 246 -10.11 -31.64 -21.05
CA VAL B 246 -10.16 -30.43 -20.27
C VAL B 246 -9.06 -30.43 -19.22
N ASP B 247 -8.84 -31.57 -18.59
CA ASP B 247 -7.81 -31.67 -17.56
C ASP B 247 -6.43 -31.43 -18.13
N VAL B 248 -6.14 -32.04 -19.28
CA VAL B 248 -4.83 -31.83 -19.88
C VAL B 248 -4.54 -30.35 -20.11
N THR B 249 -5.55 -29.58 -20.52
CA THR B 249 -5.32 -28.16 -20.75
C THR B 249 -5.08 -27.37 -19.46
N ASN B 250 -5.68 -27.80 -18.35
CA ASN B 250 -5.43 -27.08 -17.10
C ASN B 250 -4.06 -27.49 -16.56
N TYR B 251 -3.76 -28.77 -16.70
CA TYR B 251 -2.49 -29.30 -16.25
C TYR B 251 -1.33 -28.56 -16.91
N VAL B 252 -1.37 -28.48 -18.24
CA VAL B 252 -0.32 -27.80 -18.99
C VAL B 252 -0.28 -26.32 -18.65
N MET B 253 -1.43 -25.72 -18.47
CA MET B 253 -1.47 -24.31 -18.10
C MET B 253 -0.76 -24.15 -16.77
N LEU B 254 -1.11 -24.97 -15.80
CA LEU B 254 -0.49 -24.87 -14.48
C LEU B 254 0.99 -25.22 -14.54
N GLU B 255 1.36 -25.98 -15.55
CA GLU B 255 2.75 -26.39 -15.67
C GLU B 255 3.66 -25.33 -16.26
N ARG B 256 3.17 -24.61 -17.26
CA ARG B 256 4.02 -23.63 -17.91
C ARG B 256 3.41 -22.27 -18.23
N ALA B 257 2.62 -21.74 -17.30
CA ALA B 257 1.98 -20.43 -17.44
C ALA B 257 1.50 -20.17 -18.87
N GLN B 258 0.72 -21.12 -19.38
CA GLN B 258 0.22 -21.04 -20.74
C GLN B 258 -1.22 -21.54 -20.87
N PRO B 259 -2.20 -20.65 -20.63
CA PRO B 259 -3.60 -21.02 -20.73
C PRO B 259 -3.88 -21.55 -22.14
N MET B 260 -4.71 -22.58 -22.25
CA MET B 260 -5.06 -23.16 -23.54
C MET B 260 -6.47 -23.69 -23.39
N HIS B 261 -7.19 -23.80 -24.49
CA HIS B 261 -8.56 -24.28 -24.42
C HIS B 261 -8.91 -25.11 -25.63
N ALA B 262 -9.56 -26.25 -25.37
CA ALA B 262 -9.97 -27.15 -26.45
C ALA B 262 -11.41 -26.88 -26.87
N PHE B 263 -11.59 -26.54 -28.12
CA PHE B 263 -12.91 -26.26 -28.68
C PHE B 263 -13.39 -27.52 -29.41
N ASP B 264 -14.62 -27.93 -29.14
CA ASP B 264 -15.16 -29.10 -29.81
C ASP B 264 -15.39 -28.67 -31.27
N LEU B 265 -14.78 -29.40 -32.21
CA LEU B 265 -14.93 -29.04 -33.62
C LEU B 265 -16.38 -29.03 -34.14
N ARG B 266 -17.30 -29.65 -33.42
CA ARG B 266 -18.70 -29.68 -33.81
C ARG B 266 -19.21 -28.26 -33.99
N PHE B 267 -18.72 -27.37 -33.14
CA PHE B 267 -19.17 -25.98 -33.15
C PHE B 267 -18.30 -24.98 -33.87
N VAL B 268 -17.13 -25.41 -34.33
CA VAL B 268 -16.22 -24.48 -34.99
C VAL B 268 -16.70 -24.04 -36.37
N GLY B 269 -17.27 -24.97 -37.12
CA GLY B 269 -17.72 -24.64 -38.45
C GLY B 269 -16.55 -24.66 -39.40
N GLU B 270 -16.47 -23.66 -40.26
CA GLU B 270 -15.42 -23.56 -41.25
C GLU B 270 -14.06 -23.17 -40.68
N GLY B 271 -14.09 -22.44 -39.57
CA GLY B 271 -12.84 -22.03 -38.96
C GLY B 271 -13.00 -21.17 -37.73
N ILE B 272 -11.87 -20.91 -37.08
CA ILE B 272 -11.81 -20.07 -35.89
C ILE B 272 -11.43 -18.68 -36.36
N ALA B 273 -12.09 -17.66 -35.82
CA ALA B 273 -11.80 -16.27 -36.15
C ALA B 273 -11.52 -15.48 -34.86
N VAL B 274 -10.30 -14.94 -34.72
CA VAL B 274 -9.95 -14.15 -33.54
C VAL B 274 -10.33 -12.71 -33.86
N ARG B 275 -11.44 -12.25 -33.31
CA ARG B 275 -11.88 -10.90 -33.62
C ARG B 275 -12.48 -10.18 -32.44
N ARG B 276 -12.81 -8.92 -32.66
CA ARG B 276 -13.41 -8.11 -31.63
C ARG B 276 -14.88 -8.48 -31.68
N ALA B 277 -15.59 -8.33 -30.57
CA ALA B 277 -17.01 -8.67 -30.53
C ALA B 277 -17.90 -7.56 -31.11
N ARG B 278 -18.95 -7.96 -31.83
CA ARG B 278 -19.89 -6.99 -32.41
C ARG B 278 -20.78 -6.57 -31.24
N GLU B 279 -21.04 -5.27 -31.11
CA GLU B 279 -21.89 -4.81 -30.01
C GLU B 279 -23.16 -5.64 -29.86
N GLY B 280 -23.49 -5.94 -28.62
CA GLY B 280 -24.69 -6.73 -28.37
C GLY B 280 -24.42 -8.23 -28.37
N GLU B 281 -23.43 -8.68 -29.12
CA GLU B 281 -23.13 -10.11 -29.18
C GLU B 281 -23.29 -10.79 -27.83
N ARG B 282 -23.93 -11.95 -27.84
CA ARG B 282 -24.15 -12.70 -26.62
C ARG B 282 -23.21 -13.90 -26.55
N LEU B 283 -23.01 -14.43 -25.35
CA LEU B 283 -22.14 -15.58 -25.15
C LEU B 283 -22.43 -16.16 -23.79
N LYS B 284 -22.78 -17.45 -23.75
CA LYS B 284 -23.02 -18.11 -22.48
C LYS B 284 -21.68 -18.74 -22.14
N THR B 285 -20.96 -18.14 -21.20
CA THR B 285 -19.65 -18.65 -20.84
C THR B 285 -19.74 -19.92 -19.99
N LEU B 286 -18.61 -20.61 -19.96
CA LEU B 286 -18.43 -21.85 -19.24
C LEU B 286 -18.96 -21.86 -17.81
N ASP B 287 -19.04 -20.69 -17.19
CA ASP B 287 -19.55 -20.62 -15.82
C ASP B 287 -21.07 -20.60 -15.83
N GLY B 288 -21.65 -21.01 -16.96
CA GLY B 288 -23.09 -21.05 -17.09
C GLY B 288 -23.74 -19.68 -17.11
N VAL B 289 -22.93 -18.64 -17.04
CA VAL B 289 -23.40 -17.26 -17.04
C VAL B 289 -23.67 -16.72 -18.45
N GLU B 290 -24.88 -16.24 -18.66
CA GLU B 290 -25.24 -15.67 -19.96
C GLU B 290 -24.73 -14.23 -19.95
N ARG B 291 -23.86 -13.88 -20.90
CA ARG B 291 -23.28 -12.54 -20.96
C ARG B 291 -23.52 -11.78 -22.27
N THR B 292 -23.13 -10.51 -22.27
CA THR B 292 -23.27 -9.66 -23.42
C THR B 292 -21.93 -8.98 -23.64
N LEU B 293 -21.33 -9.21 -24.80
CA LEU B 293 -20.02 -8.67 -25.11
C LEU B 293 -19.96 -7.23 -25.53
N HIS B 294 -18.83 -6.60 -25.17
CA HIS B 294 -18.55 -5.21 -25.49
C HIS B 294 -17.65 -5.27 -26.74
N PRO B 295 -17.87 -4.38 -27.71
CA PRO B 295 -17.07 -4.36 -28.95
C PRO B 295 -15.56 -4.27 -28.77
N GLU B 296 -15.11 -4.10 -27.53
CA GLU B 296 -13.69 -3.99 -27.24
C GLU B 296 -13.13 -5.32 -26.73
N ASP B 297 -14.02 -6.30 -26.58
CA ASP B 297 -13.66 -7.62 -26.11
C ASP B 297 -13.12 -8.50 -27.24
N LEU B 298 -11.95 -9.08 -27.03
CA LEU B 298 -11.40 -9.98 -28.05
C LEU B 298 -12.19 -11.26 -27.85
N VAL B 299 -12.59 -11.87 -28.96
CA VAL B 299 -13.39 -13.09 -28.90
C VAL B 299 -12.85 -14.18 -29.82
N ILE B 300 -12.96 -15.43 -29.40
CA ILE B 300 -12.55 -16.55 -30.25
C ILE B 300 -13.87 -16.97 -30.89
N ALA B 301 -14.00 -16.74 -32.20
CA ALA B 301 -15.23 -17.07 -32.87
C ALA B 301 -15.09 -18.07 -33.99
N GLY B 302 -16.21 -18.63 -34.40
CA GLY B 302 -16.24 -19.57 -35.49
C GLY B 302 -17.18 -18.99 -36.52
N TRP B 303 -17.22 -19.60 -37.69
CA TRP B 303 -18.12 -19.12 -38.73
C TRP B 303 -18.57 -20.27 -39.59
N ARG B 304 -19.77 -20.15 -40.13
CA ARG B 304 -20.36 -21.16 -40.99
C ARG B 304 -21.09 -20.38 -42.07
N GLY B 305 -20.65 -20.52 -43.30
CA GLY B 305 -21.31 -19.79 -44.37
C GLY B 305 -21.17 -18.29 -44.14
N GLU B 306 -22.29 -17.59 -44.06
CA GLU B 306 -22.27 -16.14 -43.86
C GLU B 306 -22.52 -15.76 -42.40
N GLU B 307 -22.30 -16.70 -41.48
CA GLU B 307 -22.52 -16.40 -40.08
C GLU B 307 -21.30 -16.54 -39.19
N SER B 308 -21.16 -15.59 -38.28
CA SER B 308 -20.06 -15.56 -37.34
C SER B 308 -20.66 -15.55 -35.93
N PHE B 309 -20.20 -16.47 -35.09
CA PHE B 309 -20.69 -16.62 -33.73
C PHE B 309 -19.54 -16.79 -32.74
N PRO B 310 -19.67 -16.20 -31.54
CA PRO B 310 -18.66 -16.26 -30.47
C PRO B 310 -18.49 -17.67 -29.92
N LEU B 311 -17.26 -18.05 -29.60
CA LEU B 311 -16.99 -19.36 -29.05
C LEU B 311 -16.43 -19.25 -27.65
N GLY B 312 -15.72 -18.16 -27.37
CA GLY B 312 -15.16 -17.94 -26.06
C GLY B 312 -14.66 -16.52 -25.91
N LEU B 313 -14.46 -16.10 -24.65
CA LEU B 313 -13.94 -14.76 -24.34
C LEU B 313 -12.43 -14.93 -24.36
N ALA B 314 -11.82 -14.66 -25.51
CA ALA B 314 -10.38 -14.83 -25.70
C ALA B 314 -9.52 -14.52 -24.48
N GLY B 315 -8.74 -15.51 -24.07
CA GLY B 315 -7.84 -15.33 -22.94
C GLY B 315 -8.48 -15.16 -21.57
N VAL B 316 -9.80 -15.28 -21.47
CA VAL B 316 -10.46 -15.15 -20.17
C VAL B 316 -11.24 -16.40 -19.77
N MET B 317 -12.18 -16.81 -20.61
CA MET B 317 -13.01 -17.99 -20.32
C MET B 317 -13.71 -18.45 -21.59
N GLY B 318 -13.71 -19.76 -21.84
CA GLY B 318 -14.33 -20.30 -23.04
C GLY B 318 -15.84 -20.35 -22.97
N GLY B 319 -16.48 -20.62 -24.11
CA GLY B 319 -17.92 -20.70 -24.17
C GLY B 319 -18.43 -22.00 -23.55
N ALA B 320 -19.68 -22.00 -23.13
CA ALA B 320 -20.28 -23.18 -22.50
C ALA B 320 -20.59 -24.28 -23.48
N GLU B 321 -21.06 -23.86 -24.65
CA GLU B 321 -21.47 -24.75 -25.73
C GLU B 321 -20.39 -25.57 -26.43
N SER B 322 -19.19 -25.02 -26.56
CA SER B 322 -18.10 -25.74 -27.24
C SER B 322 -17.23 -26.54 -26.27
N GLU B 323 -17.48 -26.38 -24.97
CA GLU B 323 -16.77 -27.10 -23.91
C GLU B 323 -16.62 -28.56 -24.33
N VAL B 324 -15.45 -29.16 -24.10
CA VAL B 324 -15.24 -30.56 -24.48
C VAL B 324 -15.94 -31.47 -23.51
N ARG B 325 -16.71 -32.40 -24.05
CA ARG B 325 -17.44 -33.37 -23.23
C ARG B 325 -17.24 -34.80 -23.74
N GLU B 326 -17.89 -35.75 -23.09
CA GLU B 326 -17.78 -37.17 -23.40
C GLU B 326 -17.98 -37.59 -24.86
N ASP B 327 -18.93 -36.96 -25.54
CA ASP B 327 -19.20 -37.30 -26.95
C ASP B 327 -18.30 -36.63 -27.98
N THR B 328 -17.39 -35.77 -27.52
CA THR B 328 -16.47 -35.06 -28.42
C THR B 328 -15.47 -36.03 -29.05
N GLU B 329 -15.18 -35.85 -30.35
CA GLU B 329 -14.23 -36.73 -31.02
C GLU B 329 -13.02 -35.96 -31.55
N ALA B 330 -13.21 -34.68 -31.84
CA ALA B 330 -12.12 -33.86 -32.34
C ALA B 330 -12.19 -32.46 -31.77
N ILE B 331 -11.06 -31.78 -31.73
CA ILE B 331 -11.00 -30.42 -31.19
C ILE B 331 -10.03 -29.54 -31.97
N ALA B 332 -10.14 -28.24 -31.73
CA ALA B 332 -9.22 -27.27 -32.29
C ALA B 332 -8.60 -26.80 -30.98
N LEU B 333 -7.28 -26.82 -30.87
CA LEU B 333 -6.65 -26.43 -29.62
C LEU B 333 -6.04 -25.02 -29.65
N GLU B 334 -6.58 -24.14 -28.83
CA GLU B 334 -6.08 -22.78 -28.76
C GLU B 334 -4.91 -22.65 -27.81
N VAL B 335 -3.81 -22.12 -28.32
CA VAL B 335 -2.62 -21.85 -27.53
C VAL B 335 -2.13 -20.54 -28.13
N ALA B 336 -2.30 -19.46 -27.39
CA ALA B 336 -1.93 -18.14 -27.87
C ALA B 336 -1.29 -17.20 -26.85
N CYS B 337 -0.99 -15.99 -27.32
CA CYS B 337 -0.42 -14.92 -26.52
C CYS B 337 -1.31 -13.73 -26.81
N PHE B 338 -2.04 -13.28 -25.80
CA PHE B 338 -2.96 -12.15 -25.97
C PHE B 338 -2.42 -10.85 -25.42
N ASP B 339 -2.97 -9.75 -25.91
CA ASP B 339 -2.58 -8.42 -25.49
C ASP B 339 -3.04 -8.22 -24.04
N PRO B 340 -2.07 -8.15 -23.11
CA PRO B 340 -2.32 -7.98 -21.67
C PRO B 340 -3.33 -6.92 -21.29
N VAL B 341 -3.23 -5.74 -21.90
CA VAL B 341 -4.14 -4.65 -21.57
C VAL B 341 -5.57 -5.01 -21.91
N SER B 342 -5.74 -5.55 -23.10
CA SER B 342 -7.05 -5.97 -23.60
C SER B 342 -7.69 -6.96 -22.64
N ILE B 343 -6.96 -8.03 -22.33
CA ILE B 343 -7.47 -9.05 -21.42
C ILE B 343 -7.81 -8.38 -20.12
N ARG B 344 -6.91 -7.51 -19.66
CA ARG B 344 -7.10 -6.77 -18.41
C ARG B 344 -8.44 -6.03 -18.37
N LYS B 345 -8.73 -5.23 -19.38
CA LYS B 345 -9.98 -4.48 -19.43
C LYS B 345 -11.21 -5.36 -19.57
N THR B 346 -11.14 -6.36 -20.44
CA THR B 346 -12.27 -7.27 -20.61
C THR B 346 -12.56 -7.98 -19.30
N ALA B 347 -11.53 -8.53 -18.68
CA ALA B 347 -11.69 -9.24 -17.42
C ALA B 347 -12.45 -8.36 -16.42
N ARG B 348 -11.99 -7.13 -16.24
CA ARG B 348 -12.64 -6.19 -15.33
C ARG B 348 -14.08 -5.98 -15.77
N ARG B 349 -14.24 -5.52 -17.00
CA ARG B 349 -15.53 -5.23 -17.60
C ARG B 349 -16.63 -6.22 -17.24
N HIS B 350 -16.29 -7.51 -17.15
CA HIS B 350 -17.29 -8.53 -16.83
C HIS B 350 -17.16 -9.14 -15.45
N GLY B 351 -16.26 -8.59 -14.62
CA GLY B 351 -16.08 -9.10 -13.28
C GLY B 351 -15.56 -10.53 -13.23
N LEU B 352 -14.70 -10.87 -14.18
CA LEU B 352 -14.13 -12.19 -14.23
C LEU B 352 -12.63 -12.14 -13.92
N ARG B 353 -12.18 -13.07 -13.10
CA ARG B 353 -10.77 -13.19 -12.74
C ARG B 353 -10.56 -14.69 -12.83
N THR B 354 -9.86 -15.14 -13.87
CA THR B 354 -9.65 -16.57 -14.05
C THR B 354 -8.17 -16.95 -14.09
N GLU B 355 -7.90 -18.24 -13.94
CA GLU B 355 -6.53 -18.73 -13.98
C GLU B 355 -5.90 -18.27 -15.28
N ALA B 356 -6.74 -18.16 -16.30
CA ALA B 356 -6.29 -17.73 -17.62
C ALA B 356 -6.06 -16.22 -17.70
N SER B 357 -7.10 -15.42 -17.44
CA SER B 357 -6.93 -13.96 -17.52
C SER B 357 -5.72 -13.53 -16.69
N HIS B 358 -5.64 -14.05 -15.47
CA HIS B 358 -4.54 -13.72 -14.58
C HIS B 358 -3.19 -13.85 -15.28
N ARG B 359 -2.93 -14.98 -15.91
CA ARG B 359 -1.68 -15.19 -16.60
C ARG B 359 -1.49 -14.32 -17.85
N PHE B 360 -2.54 -14.07 -18.59
CA PHE B 360 -2.39 -13.22 -19.78
C PHE B 360 -2.17 -11.76 -19.40
N GLU B 361 -2.77 -11.33 -18.29
CA GLU B 361 -2.61 -9.97 -17.79
C GLU B 361 -1.17 -9.76 -17.37
N ARG B 362 -0.60 -10.76 -16.71
CA ARG B 362 0.79 -10.68 -16.26
C ARG B 362 1.76 -10.94 -17.42
N GLY B 363 1.27 -11.51 -18.51
CA GLY B 363 2.15 -11.78 -19.64
C GLY B 363 2.57 -13.22 -19.83
N VAL B 364 2.55 -13.67 -21.08
CA VAL B 364 2.91 -15.04 -21.39
C VAL B 364 4.13 -15.10 -22.30
N ASP B 365 4.82 -16.23 -22.28
CA ASP B 365 6.01 -16.41 -23.12
C ASP B 365 5.60 -16.21 -24.57
N PRO B 366 6.02 -15.08 -25.17
CA PRO B 366 5.71 -14.72 -26.56
C PRO B 366 6.04 -15.76 -27.61
N LEU B 367 6.85 -16.75 -27.24
CA LEU B 367 7.21 -17.81 -28.17
C LEU B 367 7.04 -19.19 -27.55
N GLY B 368 6.18 -19.28 -26.54
CA GLY B 368 5.97 -20.55 -25.89
C GLY B 368 4.84 -21.40 -26.45
N GLN B 369 4.00 -20.80 -27.29
CA GLN B 369 2.86 -21.50 -27.88
C GLN B 369 3.15 -22.82 -28.55
N VAL B 370 4.06 -22.82 -29.52
CA VAL B 370 4.36 -24.07 -30.21
C VAL B 370 4.86 -25.18 -29.29
N PRO B 371 5.76 -24.86 -28.35
CA PRO B 371 6.24 -25.90 -27.44
C PRO B 371 5.08 -26.43 -26.59
N ALA B 372 4.16 -25.52 -26.23
CA ALA B 372 3.00 -25.84 -25.41
C ALA B 372 2.03 -26.76 -26.17
N GLN B 373 1.92 -26.55 -27.48
CA GLN B 373 1.05 -27.39 -28.29
C GLN B 373 1.56 -28.82 -28.25
N ARG B 374 2.88 -29.01 -28.38
CA ARG B 374 3.42 -30.37 -28.34
C ARG B 374 3.13 -31.03 -27.03
N ARG B 375 3.41 -30.32 -25.94
CA ARG B 375 3.17 -30.84 -24.60
C ARG B 375 1.72 -31.32 -24.48
N ALA B 376 0.77 -30.42 -24.80
CA ALA B 376 -0.64 -30.76 -24.74
C ALA B 376 -1.04 -31.89 -25.68
N LEU B 377 -0.73 -31.75 -26.95
CA LEU B 377 -1.09 -32.78 -27.93
C LEU B 377 -0.53 -34.13 -27.52
N SER B 378 0.71 -34.12 -27.06
CA SER B 378 1.38 -35.32 -26.60
C SER B 378 0.54 -35.97 -25.49
N LEU B 379 0.22 -35.17 -24.47
CA LEU B 379 -0.56 -35.65 -23.36
C LEU B 379 -1.93 -36.14 -23.85
N LEU B 380 -2.52 -35.42 -24.79
CA LEU B 380 -3.82 -35.81 -25.32
C LEU B 380 -3.73 -37.16 -26.03
N GLN B 381 -2.60 -37.40 -26.68
CA GLN B 381 -2.41 -38.65 -27.38
C GLN B 381 -2.30 -39.78 -26.37
N ALA B 382 -1.62 -39.52 -25.27
CA ALA B 382 -1.41 -40.50 -24.22
C ALA B 382 -2.61 -40.80 -23.35
N LEU B 383 -3.41 -39.78 -23.03
CA LEU B 383 -4.57 -39.96 -22.15
C LEU B 383 -5.92 -40.03 -22.83
N ALA B 384 -6.01 -39.56 -24.06
CA ALA B 384 -7.30 -39.59 -24.74
C ALA B 384 -7.16 -40.33 -26.06
N GLY B 385 -6.01 -40.98 -26.23
CA GLY B 385 -5.74 -41.74 -27.43
C GLY B 385 -5.92 -40.88 -28.66
N ALA B 386 -5.51 -39.63 -28.59
CA ALA B 386 -5.67 -38.72 -29.70
C ALA B 386 -4.75 -38.97 -30.87
N ARG B 387 -5.28 -38.78 -32.07
CA ARG B 387 -4.50 -38.88 -33.29
C ARG B 387 -4.31 -37.42 -33.58
N VAL B 388 -3.06 -36.99 -33.60
CA VAL B 388 -2.75 -35.60 -33.82
C VAL B 388 -2.20 -35.32 -35.21
N ALA B 389 -2.54 -34.16 -35.74
CA ALA B 389 -2.05 -33.72 -37.04
C ALA B 389 -0.64 -33.17 -36.84
N GLU B 390 0.15 -33.24 -37.89
CA GLU B 390 1.52 -32.77 -37.86
C GLU B 390 1.60 -31.25 -37.87
N ALA B 391 0.74 -30.61 -38.66
CA ALA B 391 0.76 -29.16 -38.76
C ALA B 391 -0.07 -28.41 -37.73
N LEU B 392 0.29 -27.15 -37.55
CA LEU B 392 -0.43 -26.27 -36.64
C LEU B 392 -0.90 -25.14 -37.53
N LEU B 393 -1.81 -24.32 -37.02
CA LEU B 393 -2.26 -23.15 -37.76
C LEU B 393 -1.66 -22.05 -36.92
N GLU B 394 -0.84 -21.21 -37.55
CA GLU B 394 -0.18 -20.14 -36.82
C GLU B 394 -0.42 -18.77 -37.43
N ALA B 395 -0.50 -17.76 -36.59
CA ALA B 395 -0.72 -16.40 -37.02
C ALA B 395 0.05 -15.48 -36.09
N GLY B 396 1.07 -14.83 -36.65
CA GLY B 396 1.92 -13.95 -35.87
C GLY B 396 3.30 -14.55 -35.89
N SER B 397 4.32 -13.72 -35.69
CA SER B 397 5.69 -14.19 -35.69
C SER B 397 6.53 -13.30 -34.80
N PRO B 398 6.43 -13.50 -33.48
CA PRO B 398 7.17 -12.71 -32.48
C PRO B 398 8.68 -12.76 -32.67
N LYS B 399 9.33 -11.67 -32.35
CA LYS B 399 10.79 -11.60 -32.48
C LYS B 399 11.44 -12.06 -31.18
N PRO B 400 12.59 -12.74 -31.29
CA PRO B 400 13.28 -13.21 -30.09
C PRO B 400 13.76 -12.05 -29.24
N PRO B 401 14.15 -12.33 -28.00
CA PRO B 401 14.61 -11.23 -27.16
C PRO B 401 15.99 -10.75 -27.61
N GLU B 402 16.28 -9.47 -27.39
CA GLU B 402 17.57 -8.90 -27.78
C GLU B 402 18.65 -9.16 -26.75
N ALA B 403 19.89 -8.91 -27.14
CA ALA B 403 21.03 -9.10 -26.25
C ALA B 403 21.13 -7.93 -25.28
N ILE B 404 21.60 -8.22 -24.08
CA ILE B 404 21.75 -7.23 -23.04
C ILE B 404 23.22 -7.19 -22.65
N PRO B 405 23.82 -5.99 -22.61
CA PRO B 405 25.24 -5.89 -22.23
C PRO B 405 25.35 -6.20 -20.74
N PHE B 406 26.28 -7.07 -20.40
CA PHE B 406 26.47 -7.45 -19.01
C PHE B 406 27.94 -7.44 -18.59
N ARG B 407 28.24 -6.72 -17.52
CA ARG B 407 29.61 -6.66 -17.02
C ARG B 407 29.71 -7.22 -15.62
N PRO B 408 30.35 -8.39 -15.49
CA PRO B 408 30.51 -9.02 -14.17
C PRO B 408 31.06 -8.02 -13.13
N GLU B 409 31.87 -7.08 -13.59
CA GLU B 409 32.47 -6.08 -12.72
C GLU B 409 31.42 -5.14 -12.16
N TYR B 410 30.46 -4.74 -13.00
CA TYR B 410 29.39 -3.86 -12.55
C TYR B 410 28.49 -4.63 -11.56
N ALA B 411 28.23 -5.89 -11.87
CA ALA B 411 27.40 -6.69 -11.00
C ALA B 411 28.00 -6.60 -9.60
N ASN B 412 29.28 -6.95 -9.49
CA ASN B 412 29.98 -6.91 -8.21
C ASN B 412 30.06 -5.51 -7.58
N ARG B 413 30.16 -4.48 -8.42
CA ARG B 413 30.26 -3.10 -7.94
C ARG B 413 28.94 -2.61 -7.40
N LEU B 414 27.87 -2.96 -8.10
CA LEU B 414 26.53 -2.55 -7.70
C LEU B 414 26.10 -3.23 -6.39
N LEU B 415 26.44 -4.51 -6.26
CA LEU B 415 26.08 -5.27 -5.09
C LEU B 415 27.04 -5.03 -3.91
N GLY B 416 28.30 -4.76 -4.24
CA GLY B 416 29.30 -4.55 -3.21
C GLY B 416 29.88 -5.92 -2.89
N THR B 417 29.64 -6.85 -3.80
CA THR B 417 30.10 -8.22 -3.64
C THR B 417 31.35 -8.43 -4.47
N SER B 418 31.86 -9.65 -4.48
CA SER B 418 33.04 -9.94 -5.28
C SER B 418 33.01 -11.38 -5.81
N TYR B 419 31.94 -11.70 -6.53
CA TYR B 419 31.79 -13.02 -7.11
C TYR B 419 32.66 -13.13 -8.34
N PRO B 420 33.42 -14.24 -8.47
CA PRO B 420 34.26 -14.37 -9.66
C PRO B 420 33.43 -14.47 -10.93
N GLU B 421 33.89 -13.79 -11.96
CA GLU B 421 33.25 -13.74 -13.25
C GLU B 421 32.59 -15.06 -13.69
N ALA B 422 33.39 -16.13 -13.70
CA ALA B 422 32.92 -17.45 -14.12
C ALA B 422 31.65 -17.89 -13.41
N GLU B 423 31.62 -17.62 -12.12
CA GLU B 423 30.49 -17.98 -11.28
C GLU B 423 29.23 -17.30 -11.81
N GLN B 424 29.35 -16.03 -12.15
CA GLN B 424 28.24 -15.25 -12.66
C GLN B 424 27.70 -15.78 -13.99
N ILE B 425 28.58 -15.89 -14.98
CA ILE B 425 28.19 -16.38 -16.30
C ILE B 425 27.50 -17.74 -16.23
N ALA B 426 27.97 -18.60 -15.33
CA ALA B 426 27.38 -19.92 -15.15
C ALA B 426 25.92 -19.75 -14.69
N ILE B 427 25.70 -18.94 -13.65
CA ILE B 427 24.37 -18.69 -13.14
C ILE B 427 23.48 -18.32 -14.32
N LEU B 428 23.83 -17.23 -14.97
CA LEU B 428 23.08 -16.74 -16.12
C LEU B 428 22.77 -17.86 -17.09
N LYS B 429 23.74 -18.71 -17.36
CA LYS B 429 23.53 -19.80 -18.29
C LYS B 429 22.51 -20.78 -17.75
N ARG B 430 22.57 -21.09 -16.46
CA ARG B 430 21.60 -22.00 -15.86
C ARG B 430 20.18 -21.46 -15.98
N LEU B 431 20.03 -20.15 -15.97
CA LEU B 431 18.70 -19.54 -16.07
C LEU B 431 18.20 -19.58 -17.51
N GLY B 432 19.01 -20.18 -18.38
CA GLY B 432 18.63 -20.30 -19.77
C GLY B 432 19.10 -19.16 -20.65
N CYS B 433 19.91 -18.27 -20.09
CA CYS B 433 20.43 -17.13 -20.85
C CYS B 433 21.56 -17.58 -21.75
N ARG B 434 21.75 -16.85 -22.84
CA ARG B 434 22.83 -17.16 -23.75
C ARG B 434 23.90 -16.11 -23.48
N VAL B 435 25.14 -16.53 -23.34
CA VAL B 435 26.21 -15.57 -23.08
C VAL B 435 27.28 -15.60 -24.17
N GLU B 436 27.45 -14.46 -24.84
CA GLU B 436 28.43 -14.35 -25.91
C GLU B 436 29.53 -13.34 -25.60
N GLY B 437 30.68 -13.53 -26.21
CA GLY B 437 31.80 -12.63 -25.99
C GLY B 437 32.64 -13.14 -24.86
N GLU B 438 33.73 -12.44 -24.56
CA GLU B 438 34.60 -12.85 -23.48
C GLU B 438 34.96 -11.73 -22.53
N GLY B 439 34.04 -10.77 -22.42
CA GLY B 439 34.24 -9.66 -21.51
C GLY B 439 35.21 -8.60 -21.96
N PRO B 440 35.41 -7.56 -21.14
CA PRO B 440 34.76 -7.39 -19.84
C PRO B 440 33.23 -7.23 -19.88
N THR B 441 32.69 -6.79 -21.01
CA THR B 441 31.25 -6.65 -21.11
C THR B 441 30.70 -7.67 -22.08
N TYR B 442 29.76 -8.47 -21.59
CA TYR B 442 29.18 -9.52 -22.41
C TYR B 442 27.87 -9.20 -23.09
N ARG B 443 27.54 -10.08 -24.04
CA ARG B 443 26.29 -10.01 -24.79
C ARG B 443 25.44 -11.13 -24.19
N VAL B 444 24.49 -10.76 -23.34
CA VAL B 444 23.61 -11.73 -22.69
C VAL B 444 22.18 -11.58 -23.21
N THR B 445 21.71 -12.60 -23.90
CA THR B 445 20.35 -12.57 -24.43
C THR B 445 19.52 -13.61 -23.66
N PRO B 446 18.50 -13.15 -22.92
CA PRO B 446 17.60 -13.98 -22.10
C PRO B 446 16.64 -14.88 -22.86
N PRO B 447 16.03 -15.86 -22.16
CA PRO B 447 15.07 -16.81 -22.74
C PRO B 447 13.78 -16.04 -22.94
N SER B 448 13.05 -16.32 -24.00
CA SER B 448 11.81 -15.60 -24.24
C SER B 448 10.82 -15.68 -23.08
N HIS B 449 10.96 -16.68 -22.21
CA HIS B 449 10.04 -16.79 -21.09
C HIS B 449 10.26 -15.78 -19.97
N ARG B 450 11.41 -15.13 -19.98
CA ARG B 450 11.73 -14.12 -18.97
C ARG B 450 11.43 -12.71 -19.47
N LEU B 451 10.20 -12.26 -19.24
CA LEU B 451 9.79 -10.93 -19.67
C LEU B 451 10.46 -9.89 -18.79
N ASP B 452 10.83 -10.32 -17.58
CA ASP B 452 11.45 -9.44 -16.61
C ASP B 452 12.94 -9.16 -16.80
N LEU B 453 13.55 -9.69 -17.85
CA LEU B 453 14.98 -9.48 -18.09
C LEU B 453 15.24 -8.63 -19.33
N ARG B 454 15.52 -7.35 -19.10
CA ARG B 454 15.75 -6.41 -20.19
C ARG B 454 17.00 -5.55 -20.00
N LEU B 455 17.30 -5.19 -18.75
CA LEU B 455 18.45 -4.35 -18.43
C LEU B 455 19.59 -5.13 -17.80
N GLU B 456 20.74 -4.50 -17.78
CA GLU B 456 21.91 -5.12 -17.18
C GLU B 456 21.64 -5.31 -15.69
N GLU B 457 20.98 -4.32 -15.08
CA GLU B 457 20.64 -4.37 -13.67
C GLU B 457 19.78 -5.61 -13.41
N ASP B 458 18.90 -5.90 -14.37
CA ASP B 458 18.04 -7.06 -14.28
C ASP B 458 18.90 -8.31 -14.17
N LEU B 459 20.00 -8.35 -14.90
CA LEU B 459 20.89 -9.49 -14.83
C LEU B 459 21.67 -9.52 -13.53
N VAL B 460 22.04 -8.35 -13.00
CA VAL B 460 22.81 -8.42 -11.76
C VAL B 460 21.92 -8.91 -10.62
N GLU B 461 20.62 -8.65 -10.68
CA GLU B 461 19.76 -9.17 -9.62
C GLU B 461 19.66 -10.70 -9.78
N GLU B 462 19.78 -11.20 -11.02
CA GLU B 462 19.72 -12.64 -11.20
C GLU B 462 20.90 -13.27 -10.48
N VAL B 463 22.07 -12.67 -10.68
CA VAL B 463 23.28 -13.17 -10.04
C VAL B 463 23.13 -13.10 -8.51
N ALA B 464 22.60 -11.98 -8.01
CA ALA B 464 22.45 -11.81 -6.58
C ALA B 464 21.52 -12.86 -5.92
N ARG B 465 20.31 -13.02 -6.47
CA ARG B 465 19.37 -13.97 -5.91
C ARG B 465 19.86 -15.43 -5.96
N ILE B 466 20.54 -15.82 -7.04
CA ILE B 466 21.03 -17.19 -7.12
C ILE B 466 22.25 -17.39 -6.23
N GLN B 467 22.99 -16.31 -5.98
CA GLN B 467 24.14 -16.38 -5.10
C GLN B 467 23.58 -16.27 -3.69
N GLY B 468 22.48 -15.54 -3.57
CA GLY B 468 21.85 -15.36 -2.28
C GLY B 468 22.10 -14.02 -1.62
N TYR B 469 21.04 -13.24 -1.44
CA TYR B 469 21.16 -11.93 -0.81
C TYR B 469 21.98 -11.97 0.47
N GLU B 470 22.10 -13.16 1.08
CA GLU B 470 22.88 -13.26 2.32
C GLU B 470 24.37 -13.24 2.07
N THR B 471 24.79 -13.40 0.83
CA THR B 471 26.22 -13.39 0.52
C THR B 471 26.69 -11.98 0.22
N ILE B 472 25.78 -11.01 0.30
CA ILE B 472 26.11 -9.60 0.10
C ILE B 472 26.56 -9.13 1.47
N PRO B 473 27.81 -8.66 1.58
CA PRO B 473 28.32 -8.19 2.88
C PRO B 473 27.68 -6.90 3.34
N LEU B 474 27.90 -6.54 4.60
CA LEU B 474 27.34 -5.29 5.13
C LEU B 474 28.43 -4.22 5.13
N ALA B 475 28.02 -2.98 4.87
CA ALA B 475 28.96 -1.88 4.83
C ALA B 475 28.21 -0.59 5.02
N LEU B 476 28.96 0.46 5.35
CA LEU B 476 28.39 1.80 5.54
C LEU B 476 29.13 2.72 4.60
N PRO B 477 28.41 3.60 3.90
CA PRO B 477 29.09 4.51 2.98
C PRO B 477 29.67 5.76 3.67
N ALA B 478 30.71 6.30 3.08
CA ALA B 478 31.35 7.53 3.60
C ALA B 478 31.44 8.50 2.43
N PHE B 479 31.13 9.75 2.68
CA PHE B 479 31.23 10.76 1.63
C PHE B 479 30.80 12.12 2.14
N PHE B 480 31.29 13.16 1.48
CA PHE B 480 30.93 14.52 1.84
C PHE B 480 29.72 14.79 0.98
N PRO B 481 28.57 15.06 1.61
CA PRO B 481 27.37 15.34 0.82
C PRO B 481 27.54 16.59 0.00
N ALA B 482 26.95 16.59 -1.19
CA ALA B 482 27.03 17.72 -2.10
C ALA B 482 26.50 18.97 -1.40
N PRO B 483 27.08 20.14 -1.69
CA PRO B 483 26.67 21.41 -1.09
C PRO B 483 25.19 21.76 -1.03
N ASP B 484 24.46 21.57 -2.12
CA ASP B 484 23.05 21.96 -2.10
C ASP B 484 22.19 21.13 -1.17
N ASN B 485 22.82 20.28 -0.37
CA ASN B 485 22.09 19.43 0.56
C ASN B 485 22.21 19.91 2.01
N ARG B 486 22.97 20.96 2.26
CA ARG B 486 23.17 21.49 3.61
C ARG B 486 21.92 22.11 4.22
N GLY B 487 21.69 21.82 5.50
CA GLY B 487 20.54 22.38 6.20
C GLY B 487 19.21 22.11 5.55
N VAL B 488 19.20 21.15 4.63
CA VAL B 488 18.00 20.81 3.91
C VAL B 488 16.92 20.32 4.87
N GLU B 489 17.32 19.99 6.09
CA GLU B 489 16.39 19.49 7.10
C GLU B 489 15.85 20.57 8.05
N ALA B 490 16.34 21.79 7.91
CA ALA B 490 15.91 22.89 8.77
C ALA B 490 14.40 22.91 8.90
N PRO B 491 13.68 23.03 7.77
CA PRO B 491 12.22 23.07 7.80
C PRO B 491 11.62 22.00 8.70
N TYR B 492 11.95 20.75 8.43
CA TYR B 492 11.41 19.64 9.21
C TYR B 492 11.73 19.77 10.69
N ARG B 493 12.96 20.16 10.99
CA ARG B 493 13.39 20.34 12.37
C ARG B 493 12.61 21.47 13.05
N LYS B 494 12.36 22.54 12.30
CA LYS B 494 11.62 23.69 12.83
C LYS B 494 10.23 23.33 13.33
N GLU B 495 9.49 22.58 12.51
CA GLU B 495 8.16 22.17 12.91
C GLU B 495 8.19 21.19 14.07
N GLN B 496 9.25 20.42 14.17
CA GLN B 496 9.32 19.45 15.25
C GLN B 496 9.46 20.17 16.58
N ARG B 497 10.33 21.18 16.64
CA ARG B 497 10.51 21.95 17.87
C ARG B 497 9.16 22.52 18.28
N LEU B 498 8.44 23.08 17.31
CA LEU B 498 7.13 23.66 17.56
C LEU B 498 6.21 22.69 18.28
N ARG B 499 6.10 21.46 17.76
CA ARG B 499 5.26 20.46 18.38
C ARG B 499 5.74 20.19 19.80
N GLU B 500 7.06 20.07 19.94
CA GLU B 500 7.66 19.78 21.24
C GLU B 500 7.47 20.85 22.28
N VAL B 501 7.58 22.11 21.86
CA VAL B 501 7.40 23.20 22.80
C VAL B 501 5.94 23.20 23.25
N LEU B 502 5.04 22.93 22.30
CA LEU B 502 3.61 22.89 22.57
C LEU B 502 3.29 21.83 23.63
N SER B 503 3.82 20.63 23.43
CA SER B 503 3.59 19.54 24.37
C SER B 503 4.17 19.86 25.73
N GLY B 504 5.19 20.72 25.75
CA GLY B 504 5.83 21.08 27.01
C GLY B 504 5.09 22.22 27.69
N LEU B 505 4.35 22.98 26.90
CA LEU B 505 3.59 24.10 27.40
C LEU B 505 2.29 23.64 28.03
N GLY B 506 1.79 22.49 27.57
CA GLY B 506 0.56 21.95 28.10
C GLY B 506 -0.42 21.37 27.09
N PHE B 507 -0.20 21.67 25.81
CA PHE B 507 -1.07 21.16 24.76
C PHE B 507 -0.91 19.67 24.49
N GLN B 508 -2.03 18.99 24.22
CA GLN B 508 -2.02 17.57 23.91
C GLN B 508 -2.20 17.40 22.41
N GLU B 509 -1.27 16.70 21.76
CA GLU B 509 -1.36 16.51 20.31
C GLU B 509 -2.42 15.49 19.90
N VAL B 510 -3.06 15.77 18.78
CA VAL B 510 -4.11 14.90 18.25
C VAL B 510 -3.99 14.76 16.73
N TYR B 511 -4.15 13.55 16.22
CA TYR B 511 -4.09 13.32 14.78
C TYR B 511 -5.52 13.09 14.30
N THR B 512 -5.93 13.84 13.28
CA THR B 512 -7.28 13.71 12.73
C THR B 512 -7.17 13.46 11.23
N TYR B 513 -8.03 12.59 10.70
CA TYR B 513 -8.04 12.28 9.28
C TYR B 513 -8.02 13.50 8.37
N SER B 514 -7.26 13.41 7.28
CA SER B 514 -7.14 14.51 6.32
C SER B 514 -8.43 14.73 5.53
N PHE B 515 -9.37 13.79 5.63
CA PHE B 515 -10.64 13.89 4.92
C PHE B 515 -11.58 14.92 5.53
N MET B 516 -12.72 15.14 4.89
CA MET B 516 -13.71 16.10 5.36
C MET B 516 -15.12 15.76 4.88
N ASP B 517 -16.13 16.14 5.67
CA ASP B 517 -17.51 15.89 5.28
C ASP B 517 -17.99 17.17 4.61
N PRO B 518 -18.34 17.09 3.31
CA PRO B 518 -18.81 18.24 2.55
C PRO B 518 -19.84 19.11 3.27
N GLU B 519 -20.61 18.47 4.13
CA GLU B 519 -21.65 19.16 4.89
C GLU B 519 -21.09 20.10 5.95
N ASP B 520 -20.01 19.69 6.60
CA ASP B 520 -19.38 20.49 7.63
C ASP B 520 -18.99 21.84 7.08
N ALA B 521 -18.94 21.93 5.75
CA ALA B 521 -18.60 23.19 5.09
C ALA B 521 -19.70 24.14 5.49
N ARG B 522 -20.92 23.62 5.49
CA ARG B 522 -22.11 24.37 5.84
C ARG B 522 -22.22 24.45 7.36
N ARG B 523 -22.06 23.31 8.03
CA ARG B 523 -22.15 23.23 9.49
C ARG B 523 -21.26 24.24 10.20
N PHE B 524 -19.96 24.16 9.95
CA PHE B 524 -18.99 25.03 10.59
C PHE B 524 -18.81 26.37 9.89
N ARG B 525 -19.65 26.65 8.90
CA ARG B 525 -19.58 27.92 8.20
C ARG B 525 -18.22 28.20 7.56
N LEU B 526 -17.91 27.44 6.52
CA LEU B 526 -16.65 27.58 5.81
C LEU B 526 -16.93 27.60 4.32
N ASP B 527 -16.02 28.14 3.53
CA ASP B 527 -16.19 28.13 2.09
C ASP B 527 -16.12 26.66 1.71
N PRO B 528 -16.66 26.29 0.55
CA PRO B 528 -16.63 24.88 0.14
C PRO B 528 -15.22 24.33 -0.11
N PRO B 529 -15.02 23.02 0.16
CA PRO B 529 -13.74 22.34 -0.04
C PRO B 529 -13.38 22.37 -1.52
N ARG B 530 -12.14 22.72 -1.85
CA ARG B 530 -11.71 22.79 -3.24
C ARG B 530 -11.43 21.43 -3.88
N LEU B 531 -10.85 20.51 -3.12
CA LEU B 531 -10.54 19.19 -3.67
C LEU B 531 -11.54 18.15 -3.17
N LEU B 532 -11.98 17.28 -4.07
CA LEU B 532 -12.93 16.25 -3.72
C LEU B 532 -12.43 14.88 -4.15
N LEU B 533 -12.99 13.84 -3.54
CA LEU B 533 -12.59 12.49 -3.87
C LEU B 533 -13.50 11.82 -4.88
N LEU B 534 -12.92 11.35 -5.97
CA LEU B 534 -13.71 10.67 -6.98
C LEU B 534 -14.16 9.34 -6.41
N ASN B 535 -13.39 8.80 -5.47
CA ASN B 535 -13.75 7.53 -4.87
C ASN B 535 -13.53 7.53 -3.36
N PRO B 536 -14.39 8.23 -2.62
CA PRO B 536 -14.27 8.30 -1.15
C PRO B 536 -14.63 6.98 -0.45
N LEU B 537 -14.19 6.86 0.80
CA LEU B 537 -14.48 5.66 1.59
C LEU B 537 -15.94 5.74 2.00
N ALA B 538 -16.43 6.96 2.06
CA ALA B 538 -17.81 7.24 2.43
C ALA B 538 -18.06 8.69 2.08
N PRO B 539 -19.34 9.12 2.02
CA PRO B 539 -19.63 10.51 1.69
C PRO B 539 -19.23 11.49 2.81
N GLU B 540 -19.06 10.97 4.02
CA GLU B 540 -18.66 11.82 5.13
C GLU B 540 -17.17 12.12 5.02
N LYS B 541 -16.50 11.37 4.15
CA LYS B 541 -15.07 11.53 3.91
C LYS B 541 -14.86 11.78 2.42
N ALA B 542 -15.82 12.44 1.77
CA ALA B 542 -15.71 12.70 0.34
C ALA B 542 -14.86 13.91 -0.09
N ALA B 543 -14.52 14.80 0.85
CA ALA B 543 -13.71 15.97 0.52
C ALA B 543 -12.40 16.01 1.30
N LEU B 544 -11.52 16.96 0.96
CA LEU B 544 -10.26 17.14 1.69
C LEU B 544 -10.38 18.40 2.56
N ARG B 545 -10.13 18.23 3.85
CA ARG B 545 -10.22 19.31 4.82
C ARG B 545 -9.58 20.64 4.42
N THR B 546 -10.27 21.72 4.76
CA THR B 546 -9.80 23.06 4.47
C THR B 546 -9.33 23.74 5.75
N HIS B 547 -9.84 23.25 6.87
CA HIS B 547 -9.48 23.79 8.17
C HIS B 547 -9.13 22.65 9.11
N LEU B 548 -8.37 22.98 10.13
CA LEU B 548 -7.97 21.99 11.08
C LEU B 548 -8.86 21.99 12.32
N PHE B 549 -9.48 23.12 12.63
CA PHE B 549 -10.32 23.22 13.83
C PHE B 549 -11.62 22.39 13.84
N PRO B 550 -12.27 22.21 12.68
CA PRO B 550 -13.51 21.44 12.69
C PRO B 550 -13.30 20.02 13.21
N GLY B 551 -12.20 19.39 12.81
CA GLY B 551 -11.90 18.04 13.26
C GLY B 551 -11.64 18.01 14.76
N LEU B 552 -11.08 19.10 15.28
CA LEU B 552 -10.80 19.22 16.71
C LEU B 552 -12.09 19.40 17.50
N VAL B 553 -12.98 20.25 17.00
CA VAL B 553 -14.26 20.47 17.68
C VAL B 553 -14.99 19.13 17.74
N ARG B 554 -14.88 18.35 16.67
CA ARG B 554 -15.53 17.06 16.64
C ARG B 554 -14.94 16.12 17.68
N VAL B 555 -13.62 15.90 17.62
CA VAL B 555 -13.00 14.99 18.60
C VAL B 555 -13.40 15.39 20.02
N LEU B 556 -13.63 16.68 20.24
CA LEU B 556 -14.03 17.14 21.56
C LEU B 556 -15.35 16.47 21.97
N LYS B 557 -16.35 16.61 21.11
CA LYS B 557 -17.66 16.02 21.38
C LYS B 557 -17.49 14.52 21.63
N GLU B 558 -16.87 13.83 20.69
CA GLU B 558 -16.66 12.39 20.79
C GLU B 558 -15.98 12.00 22.09
N ASN B 559 -15.20 12.90 22.67
CA ASN B 559 -14.51 12.61 23.92
C ASN B 559 -15.45 12.83 25.10
N LEU B 560 -16.41 13.75 24.93
CA LEU B 560 -17.40 14.05 25.95
C LEU B 560 -18.43 12.92 26.01
N ASP B 561 -18.60 12.24 24.88
CA ASP B 561 -19.56 11.13 24.76
C ASP B 561 -19.06 9.78 25.29
N LEU B 562 -17.78 9.48 25.07
CA LEU B 562 -17.21 8.21 25.51
C LEU B 562 -16.82 8.31 26.97
N ASP B 563 -15.90 9.23 27.24
CA ASP B 563 -15.43 9.51 28.59
C ASP B 563 -16.01 10.89 28.83
N ARG B 564 -15.80 11.49 29.99
CA ARG B 564 -16.38 12.81 30.21
C ARG B 564 -15.37 13.80 30.74
N PRO B 565 -14.40 14.19 29.92
CA PRO B 565 -13.37 15.14 30.34
C PRO B 565 -13.93 16.45 30.88
N GLU B 566 -13.42 16.90 32.02
CA GLU B 566 -13.86 18.15 32.61
C GLU B 566 -13.25 19.30 31.82
N ARG B 567 -12.01 19.10 31.36
CA ARG B 567 -11.31 20.12 30.59
C ARG B 567 -10.63 19.45 29.40
N ALA B 568 -9.87 20.24 28.65
CA ALA B 568 -9.16 19.73 27.48
C ALA B 568 -8.39 20.85 26.77
N LEU B 569 -7.09 20.66 26.61
CA LEU B 569 -6.27 21.65 25.92
C LEU B 569 -5.54 20.89 24.83
N LEU B 570 -6.11 20.94 23.62
CA LEU B 570 -5.55 20.21 22.48
C LEU B 570 -4.82 21.03 21.42
N PHE B 571 -4.14 20.30 20.52
CA PHE B 571 -3.43 20.90 19.41
C PHE B 571 -3.18 19.84 18.34
N GLU B 572 -3.10 20.28 17.09
CA GLU B 572 -2.85 19.39 15.99
C GLU B 572 -2.17 20.15 14.88
N VAL B 573 -1.19 19.50 14.27
CA VAL B 573 -0.48 20.11 13.15
C VAL B 573 -0.81 19.22 11.97
N GLY B 574 -1.27 19.82 10.88
CA GLY B 574 -1.62 19.02 9.73
C GLY B 574 -1.70 19.78 8.43
N ARG B 575 -1.61 19.03 7.33
CA ARG B 575 -1.71 19.59 5.99
C ARG B 575 -3.17 19.86 5.71
N VAL B 576 -3.45 21.04 5.17
CA VAL B 576 -4.79 21.48 4.85
C VAL B 576 -4.80 21.79 3.35
N PHE B 577 -5.96 21.72 2.70
CA PHE B 577 -6.02 21.97 1.26
C PHE B 577 -7.00 23.06 0.82
N ARG B 578 -6.56 23.94 -0.06
CA ARG B 578 -7.38 25.04 -0.55
C ARG B 578 -6.53 25.99 -1.38
N GLU B 579 -6.59 25.87 -2.70
CA GLU B 579 -5.81 26.73 -3.61
C GLU B 579 -4.41 26.11 -3.70
N ARG B 580 -3.80 25.92 -2.54
CA ARG B 580 -2.49 25.31 -2.41
C ARG B 580 -2.54 24.48 -1.14
N GLU B 581 -1.70 23.45 -1.08
CA GLU B 581 -1.64 22.60 0.11
C GLU B 581 -0.81 23.35 1.13
N GLU B 582 -1.33 23.54 2.33
CA GLU B 582 -0.55 24.24 3.34
C GLU B 582 -0.63 23.62 4.72
N THR B 583 0.44 23.82 5.49
CA THR B 583 0.52 23.28 6.84
C THR B 583 -0.07 24.25 7.85
N HIS B 584 -1.00 23.73 8.65
CA HIS B 584 -1.70 24.51 9.69
C HIS B 584 -1.44 23.99 11.11
N LEU B 585 -1.54 24.90 12.07
CA LEU B 585 -1.40 24.56 13.48
C LEU B 585 -2.70 25.04 14.09
N ALA B 586 -3.40 24.15 14.78
CA ALA B 586 -4.65 24.52 15.41
C ALA B 586 -4.72 24.00 16.83
N GLY B 587 -5.36 24.78 17.70
CA GLY B 587 -5.50 24.39 19.09
C GLY B 587 -6.90 24.64 19.62
N LEU B 588 -7.29 23.88 20.64
CA LEU B 588 -8.62 24.03 21.22
C LEU B 588 -8.61 23.91 22.73
N LEU B 589 -9.32 24.82 23.39
CA LEU B 589 -9.45 24.82 24.83
C LEU B 589 -10.90 24.46 25.15
N PHE B 590 -11.17 24.11 26.40
CA PHE B 590 -12.53 23.75 26.82
C PHE B 590 -12.55 23.29 28.28
N GLY B 591 -13.67 23.53 28.96
CA GLY B 591 -13.78 23.11 30.34
C GLY B 591 -13.69 24.23 31.35
N GLU B 592 -13.65 23.85 32.62
CA GLU B 592 -13.56 24.80 33.73
C GLU B 592 -12.33 25.69 33.68
N GLY B 593 -11.14 25.09 33.66
CA GLY B 593 -9.93 25.88 33.61
C GLY B 593 -8.85 25.56 34.61
N VAL B 594 -7.95 26.52 34.81
CA VAL B 594 -6.82 26.41 35.72
C VAL B 594 -7.17 27.04 37.07
N GLY B 595 -6.81 26.37 38.15
CA GLY B 595 -7.08 26.87 39.48
C GLY B 595 -6.81 25.80 40.51
N LEU B 596 -7.46 25.89 41.66
CA LEU B 596 -7.28 24.90 42.72
C LEU B 596 -8.46 23.94 42.76
N PRO B 597 -8.18 22.63 42.62
CA PRO B 597 -9.20 21.56 42.63
C PRO B 597 -10.21 21.71 43.76
N TRP B 598 -9.72 22.02 44.95
CA TRP B 598 -10.56 22.19 46.14
C TRP B 598 -11.08 23.61 46.30
N ALA B 599 -10.58 24.53 45.49
CA ALA B 599 -11.01 25.92 45.55
C ALA B 599 -12.08 26.16 44.49
N LYS B 600 -12.27 27.43 44.13
CA LYS B 600 -13.28 27.79 43.14
C LYS B 600 -12.80 28.79 42.07
N GLU B 601 -12.11 29.85 42.49
CA GLU B 601 -11.60 30.83 41.54
C GLU B 601 -10.85 30.08 40.43
N ARG B 602 -11.05 30.48 39.19
CA ARG B 602 -10.37 29.82 38.09
C ARG B 602 -10.03 30.72 36.93
N LEU B 603 -9.08 30.24 36.12
CA LEU B 603 -8.61 30.94 34.93
C LEU B 603 -9.01 30.07 33.74
N SER B 604 -9.79 30.63 32.81
CA SER B 604 -10.22 29.87 31.65
C SER B 604 -10.79 30.73 30.54
N GLY B 605 -11.36 30.08 29.55
CA GLY B 605 -11.95 30.80 28.43
C GLY B 605 -10.92 31.48 27.57
N TYR B 606 -11.38 32.43 26.76
CA TYR B 606 -10.53 33.19 25.86
C TYR B 606 -9.14 33.55 26.41
N PHE B 607 -9.13 34.35 27.46
CA PHE B 607 -7.88 34.80 28.04
C PHE B 607 -6.97 33.70 28.60
N LEU B 608 -7.51 32.50 28.78
CA LEU B 608 -6.68 31.40 29.25
C LEU B 608 -5.87 30.99 28.03
N LEU B 609 -6.55 30.75 26.91
CA LEU B 609 -5.87 30.37 25.68
C LEU B 609 -4.93 31.51 25.30
N LYS B 610 -5.50 32.69 25.08
CA LYS B 610 -4.71 33.88 24.72
C LYS B 610 -3.44 33.96 25.55
N GLY B 611 -3.51 33.53 26.80
CA GLY B 611 -2.36 33.58 27.69
C GLY B 611 -1.38 32.48 27.35
N TYR B 612 -1.91 31.27 27.19
CA TYR B 612 -1.08 30.13 26.83
C TYR B 612 -0.39 30.47 25.51
N LEU B 613 -1.14 31.05 24.57
CA LEU B 613 -0.58 31.41 23.27
C LEU B 613 0.49 32.48 23.39
N GLU B 614 0.34 33.37 24.37
CA GLU B 614 1.32 34.42 24.57
C GLU B 614 2.64 33.80 25.01
N ALA B 615 2.55 32.78 25.85
CA ALA B 615 3.74 32.08 26.33
C ALA B 615 4.46 31.41 25.16
N LEU B 616 3.69 30.71 24.35
CA LEU B 616 4.23 30.02 23.18
C LEU B 616 5.13 30.95 22.41
N PHE B 617 4.56 32.01 21.85
CA PHE B 617 5.36 32.95 21.08
C PHE B 617 6.43 33.62 21.93
N ALA B 618 6.19 33.74 23.22
CA ALA B 618 7.19 34.34 24.08
C ALA B 618 8.39 33.40 24.03
N ARG B 619 8.08 32.10 24.09
CA ARG B 619 9.08 31.05 24.06
C ARG B 619 9.77 31.00 22.70
N LEU B 620 9.00 31.20 21.63
CA LEU B 620 9.55 31.17 20.28
C LEU B 620 10.25 32.48 19.92
N GLY B 621 10.24 33.43 20.86
CA GLY B 621 10.87 34.72 20.60
C GLY B 621 10.24 35.43 19.40
N LEU B 622 8.92 35.45 19.38
CA LEU B 622 8.18 36.08 18.29
C LEU B 622 7.04 36.94 18.82
N ALA B 623 6.80 38.06 18.13
CA ALA B 623 5.73 38.98 18.51
C ALA B 623 4.33 38.38 18.29
N PHE B 624 3.51 38.40 19.33
CA PHE B 624 2.16 37.88 19.24
C PHE B 624 1.18 39.02 19.53
N ARG B 625 0.10 39.09 18.75
CA ARG B 625 -0.89 40.15 18.90
C ARG B 625 -2.22 39.67 18.37
N VAL B 626 -3.31 40.01 19.06
CA VAL B 626 -4.64 39.60 18.62
C VAL B 626 -5.61 40.77 18.43
N GLU B 627 -5.78 41.20 17.18
CA GLU B 627 -6.69 42.30 16.85
C GLU B 627 -8.05 41.71 16.47
N ALA B 628 -9.13 42.36 16.92
CA ALA B 628 -10.48 41.90 16.65
C ALA B 628 -10.86 41.91 15.16
N GLN B 629 -11.52 40.84 14.74
CA GLN B 629 -11.96 40.67 13.35
C GLN B 629 -12.96 39.52 13.33
N ALA B 630 -13.95 39.62 12.46
CA ALA B 630 -14.99 38.60 12.37
C ALA B 630 -14.63 37.36 11.56
N PHE B 631 -15.19 36.23 12.00
CA PHE B 631 -14.98 34.94 11.35
C PHE B 631 -16.25 34.12 11.51
N PRO B 632 -16.90 33.80 10.38
CA PRO B 632 -18.14 33.02 10.32
C PRO B 632 -18.31 31.96 11.41
N PHE B 633 -17.27 31.16 11.60
CA PHE B 633 -17.25 30.08 12.57
C PHE B 633 -16.90 30.51 13.98
N LEU B 634 -16.75 31.82 14.21
CA LEU B 634 -16.41 32.31 15.54
C LEU B 634 -17.54 33.10 16.18
N HIS B 635 -17.42 33.33 17.48
CA HIS B 635 -18.41 34.10 18.23
C HIS B 635 -18.13 35.56 17.86
N PRO B 636 -19.18 36.31 17.48
CA PRO B 636 -19.00 37.71 17.11
C PRO B 636 -18.39 38.58 18.22
N GLY B 637 -18.65 38.20 19.46
CA GLY B 637 -18.11 38.94 20.59
C GLY B 637 -16.71 38.51 20.99
N VAL B 638 -16.43 37.21 20.81
CA VAL B 638 -15.12 36.64 21.14
C VAL B 638 -14.45 36.23 19.82
N SER B 639 -13.98 37.22 19.06
CA SER B 639 -13.35 36.91 17.78
C SER B 639 -12.29 37.92 17.37
N GLY B 640 -11.18 37.38 16.87
CA GLY B 640 -10.08 38.20 16.44
C GLY B 640 -9.09 37.39 15.63
N ARG B 641 -8.26 38.10 14.87
CA ARG B 641 -7.26 37.47 14.04
C ARG B 641 -5.93 37.43 14.81
N VAL B 642 -4.96 36.67 14.28
CA VAL B 642 -3.66 36.55 14.91
C VAL B 642 -2.56 37.23 14.09
N LEU B 643 -1.70 37.99 14.77
CA LEU B 643 -0.61 38.71 14.11
C LEU B 643 0.75 38.35 14.69
N VAL B 644 1.39 37.35 14.09
CA VAL B 644 2.70 36.94 14.57
C VAL B 644 3.75 37.79 13.86
N GLU B 645 4.53 38.54 14.63
CA GLU B 645 5.56 39.40 14.07
C GLU B 645 4.97 40.33 13.01
N GLY B 646 3.80 40.87 13.30
CA GLY B 646 3.17 41.79 12.36
C GLY B 646 2.18 41.20 11.39
N GLU B 647 2.62 40.19 10.62
CA GLU B 647 1.74 39.57 9.64
C GLU B 647 0.63 38.71 10.24
N GLU B 648 -0.52 38.67 9.55
CA GLU B 648 -1.65 37.90 10.00
C GLU B 648 -1.44 36.45 9.60
N VAL B 649 -1.48 35.54 10.57
CA VAL B 649 -1.23 34.14 10.26
C VAL B 649 -2.41 33.19 10.52
N GLY B 650 -3.45 33.70 11.18
CA GLY B 650 -4.60 32.87 11.46
C GLY B 650 -5.63 33.60 12.31
N PHE B 651 -6.32 32.86 13.19
CA PHE B 651 -7.35 33.43 14.04
C PHE B 651 -7.40 32.85 15.45
N LEU B 652 -8.15 33.51 16.33
CA LEU B 652 -8.32 33.04 17.71
C LEU B 652 -9.65 33.54 18.25
N GLY B 653 -10.38 32.67 18.94
CA GLY B 653 -11.66 33.09 19.50
C GLY B 653 -12.54 31.97 20.02
N ALA B 654 -13.77 32.32 20.38
CA ALA B 654 -14.72 31.35 20.89
C ALA B 654 -15.58 30.83 19.74
N LEU B 655 -15.86 29.53 19.77
CA LEU B 655 -16.68 28.91 18.74
C LEU B 655 -18.04 29.56 18.76
N HIS B 656 -18.49 30.03 17.60
CA HIS B 656 -19.79 30.67 17.49
C HIS B 656 -20.85 29.80 18.18
N PRO B 657 -21.66 30.42 19.06
CA PRO B 657 -22.74 29.78 19.82
C PRO B 657 -23.66 28.89 19.02
N GLU B 658 -24.22 29.40 17.93
CA GLU B 658 -25.13 28.60 17.12
C GLU B 658 -24.51 27.26 16.72
N ILE B 659 -23.23 27.28 16.37
CA ILE B 659 -22.54 26.03 15.99
C ILE B 659 -22.48 25.17 17.24
N ALA B 660 -22.09 25.78 18.35
CA ALA B 660 -22.00 25.09 19.63
C ALA B 660 -23.30 24.35 19.92
N GLN B 661 -24.41 25.02 19.62
CA GLN B 661 -25.74 24.46 19.84
C GLN B 661 -26.08 23.33 18.89
N GLU B 662 -25.87 23.54 17.59
CA GLU B 662 -26.18 22.48 16.63
C GLU B 662 -25.36 21.22 16.95
N LEU B 663 -24.18 21.44 17.52
CA LEU B 663 -23.30 20.33 17.87
C LEU B 663 -23.48 19.91 19.33
N GLU B 664 -24.33 20.64 20.05
CA GLU B 664 -24.60 20.36 21.46
C GLU B 664 -23.30 20.39 22.25
N LEU B 665 -22.65 21.55 22.27
CA LEU B 665 -21.39 21.69 22.98
C LEU B 665 -21.32 22.96 23.80
N PRO B 666 -20.57 22.91 24.91
CA PRO B 666 -20.39 24.06 25.79
C PRO B 666 -19.56 25.07 25.02
N PRO B 667 -19.25 26.21 25.64
CA PRO B 667 -18.44 27.17 24.86
C PRO B 667 -17.05 26.56 24.64
N VAL B 668 -16.62 26.57 23.39
CA VAL B 668 -15.33 26.04 23.01
C VAL B 668 -14.47 27.16 22.46
N HIS B 669 -13.26 27.31 22.97
CA HIS B 669 -12.36 28.35 22.50
C HIS B 669 -11.30 27.71 21.59
N LEU B 670 -10.82 28.46 20.59
CA LEU B 670 -9.81 27.88 19.70
C LEU B 670 -9.06 28.82 18.76
N PHE B 671 -8.09 28.25 18.03
CA PHE B 671 -7.28 29.01 17.09
C PHE B 671 -6.72 28.13 15.97
N GLU B 672 -6.32 28.77 14.87
CA GLU B 672 -5.73 28.05 13.75
C GLU B 672 -4.79 28.98 13.01
N LEU B 673 -3.54 28.55 12.88
CA LEU B 673 -2.50 29.34 12.22
C LEU B 673 -1.89 28.63 11.03
N ARG B 674 -1.14 29.38 10.24
CA ARG B 674 -0.47 28.86 9.08
C ARG B 674 1.02 28.75 9.36
N LEU B 675 1.56 27.57 9.10
CA LEU B 675 2.98 27.32 9.29
C LEU B 675 3.64 27.43 7.92
N PRO B 676 4.97 27.69 7.89
CA PRO B 676 5.81 27.89 9.07
C PRO B 676 5.66 29.29 9.64
N LEU B 677 5.81 29.40 10.96
CA LEU B 677 5.72 30.70 11.60
C LEU B 677 6.94 31.51 11.17
N PRO B 678 6.86 32.83 11.27
CA PRO B 678 7.98 33.69 10.88
C PRO B 678 9.22 33.39 11.71
N ASP B 679 10.37 33.84 11.21
CA ASP B 679 11.64 33.65 11.90
C ASP B 679 12.16 35.02 12.30
N LYS B 680 12.31 35.26 13.60
CA LYS B 680 12.86 36.54 14.03
C LYS B 680 14.29 36.29 14.44
N PRO B 681 15.24 36.80 13.65
CA PRO B 681 16.67 36.64 13.91
C PRO B 681 17.08 37.38 15.19
N LEU B 682 18.00 36.77 15.95
CA LEU B 682 18.47 37.37 17.19
C LEU B 682 19.27 38.64 16.93
N ALA B 683 19.13 39.58 17.84
CA ALA B 683 19.84 40.84 17.78
C ALA B 683 20.07 41.16 19.25
N PHE B 684 21.06 40.50 19.82
CA PHE B 684 21.38 40.69 21.23
C PHE B 684 21.30 42.15 21.65
N GLN B 685 20.58 42.39 22.74
CA GLN B 685 20.40 43.72 23.29
C GLN B 685 21.11 43.84 24.62
N ASP B 686 22.39 44.18 24.59
CA ASP B 686 23.17 44.30 25.81
C ASP B 686 22.43 45.08 26.89
N PRO B 687 22.16 44.44 28.04
CA PRO B 687 21.45 45.09 29.14
C PRO B 687 22.18 46.33 29.62
N SER B 688 21.46 47.24 30.28
CA SER B 688 22.06 48.46 30.81
C SER B 688 22.47 48.21 32.25
N ARG B 689 23.65 48.70 32.63
CA ARG B 689 24.14 48.51 33.99
C ARG B 689 23.40 49.44 34.96
N HIS B 690 22.99 50.60 34.47
CA HIS B 690 22.31 51.62 35.26
C HIS B 690 20.87 51.32 35.64
N PRO B 691 20.35 52.03 36.66
CA PRO B 691 18.98 51.88 37.17
C PRO B 691 17.93 52.39 36.19
N ALA B 692 16.71 51.89 36.33
CA ALA B 692 15.62 52.29 35.45
C ALA B 692 14.62 53.22 36.11
N ALA B 693 13.96 54.03 35.30
CA ALA B 693 12.97 54.99 35.78
C ALA B 693 11.57 54.35 35.82
N PHE B 694 10.92 54.43 36.97
CA PHE B 694 9.59 53.86 37.15
C PHE B 694 8.52 54.94 37.28
N ARG B 695 7.49 54.85 36.44
CA ARG B 695 6.40 55.82 36.49
C ARG B 695 5.08 55.23 36.01
N ASP B 696 4.01 55.61 36.69
CA ASP B 696 2.68 55.13 36.37
C ASP B 696 1.80 56.21 35.78
N LEU B 697 0.70 55.78 35.16
CA LEU B 697 -0.26 56.70 34.57
C LEU B 697 -1.41 55.91 33.97
N ALA B 698 -2.63 56.41 34.18
CA ALA B 698 -3.81 55.76 33.65
C ALA B 698 -4.28 56.55 32.42
N VAL B 699 -4.88 55.85 31.46
CA VAL B 699 -5.38 56.51 30.26
C VAL B 699 -6.89 56.29 30.21
N VAL B 700 -7.64 57.39 30.18
CA VAL B 700 -9.11 57.33 30.13
C VAL B 700 -9.54 57.25 28.66
N VAL B 701 -10.23 56.17 28.33
CA VAL B 701 -10.68 55.92 26.97
C VAL B 701 -12.05 55.25 26.95
N PRO B 702 -12.85 55.51 25.91
CA PRO B 702 -14.18 54.91 25.80
C PRO B 702 -14.13 53.38 25.75
N ALA B 703 -15.11 52.73 26.38
CA ALA B 703 -15.19 51.28 26.42
C ALA B 703 -14.97 50.60 25.07
N PRO B 704 -15.48 51.20 23.97
CA PRO B 704 -15.30 50.60 22.65
C PRO B 704 -13.86 50.51 22.13
N THR B 705 -13.05 51.53 22.42
CA THR B 705 -11.65 51.54 21.97
C THR B 705 -10.88 50.31 22.43
N PRO B 706 -10.23 49.61 21.49
CA PRO B 706 -9.44 48.41 21.78
C PRO B 706 -8.18 48.69 22.61
N TYR B 707 -7.90 47.81 23.56
CA TYR B 707 -6.72 47.97 24.40
C TYR B 707 -5.49 48.13 23.49
N GLY B 708 -5.45 47.33 22.44
CA GLY B 708 -4.36 47.36 21.49
C GLY B 708 -3.95 48.73 20.98
N GLU B 709 -4.92 49.53 20.55
CA GLU B 709 -4.64 50.86 20.03
C GLU B 709 -4.02 51.75 21.09
N VAL B 710 -4.60 51.71 22.29
CA VAL B 710 -4.10 52.51 23.41
C VAL B 710 -2.64 52.16 23.66
N GLU B 711 -2.39 50.88 23.94
CA GLU B 711 -1.05 50.40 24.20
C GLU B 711 -0.09 50.83 23.09
N ALA B 712 -0.52 50.63 21.85
CA ALA B 712 0.28 51.00 20.69
C ALA B 712 0.73 52.46 20.72
N LEU B 713 -0.23 53.35 20.97
CA LEU B 713 0.02 54.79 21.02
C LEU B 713 0.95 55.15 22.18
N VAL B 714 0.63 54.62 23.35
CA VAL B 714 1.43 54.88 24.54
C VAL B 714 2.89 54.51 24.27
N ARG B 715 3.12 53.29 23.78
CA ARG B 715 4.49 52.85 23.48
C ARG B 715 5.11 53.72 22.39
N GLU B 716 4.40 53.82 21.27
CA GLU B 716 4.88 54.60 20.15
C GLU B 716 5.31 55.99 20.62
N ALA B 717 4.55 56.57 21.53
CA ALA B 717 4.84 57.91 22.04
C ALA B 717 5.74 57.97 23.27
N ALA B 718 5.98 56.82 23.89
CA ALA B 718 6.81 56.74 25.10
C ALA B 718 8.27 57.11 24.88
N GLY B 719 8.68 57.26 23.62
CA GLY B 719 10.07 57.62 23.35
C GLY B 719 11.01 56.45 23.20
N PRO B 720 12.25 56.70 22.73
CA PRO B 720 13.28 55.67 22.54
C PRO B 720 13.92 55.12 23.82
N TYR B 721 13.46 55.58 24.98
CA TYR B 721 14.02 55.08 26.23
C TYR B 721 13.01 54.31 27.07
N LEU B 722 11.96 53.80 26.43
CA LEU B 722 10.96 53.03 27.16
C LEU B 722 11.47 51.61 27.35
N GLU B 723 11.34 51.09 28.56
CA GLU B 723 11.77 49.73 28.85
C GLU B 723 10.56 48.81 28.87
N SER B 724 9.69 49.01 29.85
CA SER B 724 8.50 48.20 29.97
C SER B 724 7.24 49.03 29.76
N LEU B 725 6.09 48.38 29.82
CA LEU B 725 4.80 49.03 29.65
C LEU B 725 3.76 47.94 29.84
N ALA B 726 3.24 47.82 31.06
CA ALA B 726 2.26 46.77 31.32
C ALA B 726 0.97 47.20 32.02
N LEU B 727 -0.14 46.67 31.50
CA LEU B 727 -1.46 46.95 32.02
C LEU B 727 -1.67 46.21 33.33
N PHE B 728 -1.57 46.92 34.45
CA PHE B 728 -1.78 46.28 35.74
C PHE B 728 -3.17 46.52 36.30
N ASP B 729 -4.02 47.19 35.55
CA ASP B 729 -5.39 47.44 36.00
C ASP B 729 -6.30 48.15 35.00
N LEU B 730 -7.46 47.53 34.76
CA LEU B 730 -8.46 48.08 33.86
C LEU B 730 -9.68 48.41 34.70
N TYR B 731 -10.19 49.63 34.55
CA TYR B 731 -11.35 50.06 35.30
C TYR B 731 -12.26 51.00 34.49
N GLN B 732 -13.55 51.02 34.86
CA GLN B 732 -14.53 51.88 34.20
C GLN B 732 -15.79 52.09 35.06
N GLY B 733 -16.32 53.31 35.05
CA GLY B 733 -17.51 53.62 35.82
C GLY B 733 -17.38 54.92 36.59
N PRO B 734 -17.81 54.95 37.87
CA PRO B 734 -17.71 56.16 38.69
C PRO B 734 -16.30 56.30 39.26
N PRO B 735 -15.73 57.51 39.21
CA PRO B 735 -16.25 58.77 38.68
C PRO B 735 -16.06 59.05 37.18
N LEU B 736 -15.41 58.14 36.46
CA LEU B 736 -15.20 58.36 35.02
C LEU B 736 -16.50 58.48 34.23
N PRO B 737 -16.46 59.18 33.09
CA PRO B 737 -17.65 59.36 32.25
C PRO B 737 -18.07 58.02 31.62
N GLU B 738 -19.03 57.34 32.23
CA GLU B 738 -19.52 56.04 31.75
C GLU B 738 -19.39 55.87 30.25
N GLY B 739 -19.03 54.66 29.82
CA GLY B 739 -18.85 54.40 28.41
C GLY B 739 -17.37 54.64 28.17
N HIS B 740 -16.65 54.85 29.27
CA HIS B 740 -15.22 55.08 29.26
C HIS B 740 -14.59 54.10 30.22
N LYS B 741 -13.27 54.13 30.30
CA LYS B 741 -12.53 53.24 31.18
C LYS B 741 -11.10 53.74 31.29
N SER B 742 -10.43 53.36 32.37
CA SER B 742 -9.04 53.75 32.60
C SER B 742 -8.14 52.52 32.45
N LEU B 743 -6.95 52.75 31.92
CA LEU B 743 -5.98 51.68 31.72
C LEU B 743 -4.72 51.97 32.54
N ALA B 744 -4.52 51.17 33.59
CA ALA B 744 -3.37 51.31 34.47
C ALA B 744 -2.11 50.76 33.82
N PHE B 745 -1.19 51.66 33.45
CA PHE B 745 0.07 51.26 32.81
C PHE B 745 1.29 51.46 33.71
N HIS B 746 2.11 50.42 33.79
CA HIS B 746 3.34 50.48 34.56
C HIS B 746 4.43 50.78 33.53
N LEU B 747 5.12 51.91 33.68
CA LEU B 747 6.15 52.25 32.72
C LEU B 747 7.57 52.29 33.28
N ARG B 748 8.53 51.95 32.43
CA ARG B 748 9.94 51.94 32.81
C ARG B 748 10.78 52.63 31.77
N PHE B 749 11.87 53.23 32.21
CA PHE B 749 12.79 53.89 31.30
C PHE B 749 14.19 53.52 31.73
N ARG B 750 15.14 53.61 30.81
CA ARG B 750 16.51 53.27 31.11
C ARG B 750 17.40 53.71 29.96
N HIS B 751 18.62 54.12 30.28
CA HIS B 751 19.54 54.57 29.26
C HIS B 751 20.75 53.64 29.27
N PRO B 752 21.09 53.06 28.11
CA PRO B 752 22.23 52.15 27.99
C PRO B 752 23.55 52.65 28.58
N LYS B 753 23.94 53.87 28.22
CA LYS B 753 25.20 54.43 28.70
C LYS B 753 25.17 55.03 30.11
N ARG B 754 24.21 55.91 30.37
CA ARG B 754 24.12 56.53 31.70
C ARG B 754 22.73 56.47 32.29
N THR B 755 22.53 57.19 33.38
CA THR B 755 21.23 57.23 34.04
C THR B 755 20.38 58.31 33.36
N LEU B 756 19.08 58.32 33.65
CA LEU B 756 18.20 59.31 33.04
C LEU B 756 17.82 60.42 33.99
N ARG B 757 17.92 61.65 33.50
CA ARG B 757 17.58 62.83 34.28
C ARG B 757 16.07 63.06 34.23
N ASP B 758 15.49 63.44 35.36
CA ASP B 758 14.05 63.69 35.47
C ASP B 758 13.46 64.54 34.34
N GLU B 759 14.30 65.34 33.70
CA GLU B 759 13.86 66.19 32.59
C GLU B 759 13.46 65.32 31.42
N GLU B 760 14.34 64.40 31.05
CA GLU B 760 14.12 63.47 29.94
C GLU B 760 12.87 62.61 30.18
N VAL B 761 12.68 62.17 31.42
CA VAL B 761 11.55 61.32 31.75
C VAL B 761 10.23 62.07 31.79
N GLU B 762 10.09 63.00 32.74
CA GLU B 762 8.86 63.78 32.87
C GLU B 762 8.47 64.47 31.56
N GLU B 763 9.43 64.62 30.66
CA GLU B 763 9.17 65.24 29.38
C GLU B 763 8.62 64.17 28.44
N ALA B 764 9.20 62.98 28.50
CA ALA B 764 8.77 61.88 27.66
C ALA B 764 7.37 61.44 28.11
N VAL B 765 7.11 61.51 29.41
CA VAL B 765 5.81 61.12 29.94
C VAL B 765 4.80 62.16 29.49
N SER B 766 5.31 63.21 28.86
CA SER B 766 4.49 64.29 28.36
C SER B 766 4.29 64.10 26.86
N ARG B 767 5.35 63.64 26.20
CA ARG B 767 5.30 63.40 24.76
C ARG B 767 4.16 62.44 24.50
N VAL B 768 3.83 61.68 25.52
CA VAL B 768 2.74 60.70 25.46
C VAL B 768 1.42 61.38 25.83
N ALA B 769 1.36 61.97 27.02
CA ALA B 769 0.17 62.66 27.48
C ALA B 769 -0.31 63.64 26.42
N GLU B 770 0.64 64.12 25.62
CA GLU B 770 0.37 65.06 24.53
C GLU B 770 -0.44 64.39 23.44
N ALA B 771 0.20 63.48 22.71
CA ALA B 771 -0.45 62.74 21.63
C ALA B 771 -1.55 61.84 22.16
N LEU B 772 -1.54 61.64 23.48
CA LEU B 772 -2.53 60.80 24.16
C LEU B 772 -3.89 61.52 24.10
N ARG B 773 -3.88 62.82 24.39
CA ARG B 773 -5.09 63.63 24.36
C ARG B 773 -5.33 64.14 22.94
N ALA B 774 -4.23 64.46 22.24
CA ALA B 774 -4.33 64.93 20.86
C ALA B 774 -5.01 63.87 20.00
N ARG B 775 -5.09 62.66 20.54
CA ARG B 775 -5.72 61.55 19.85
C ARG B 775 -7.13 61.37 20.39
N GLY B 776 -7.43 62.09 21.48
CA GLY B 776 -8.76 62.02 22.07
C GLY B 776 -8.84 61.12 23.28
N PHE B 777 -7.75 61.04 24.04
CA PHE B 777 -7.73 60.19 25.23
C PHE B 777 -7.33 60.98 26.48
N GLY B 778 -7.90 60.61 27.62
CA GLY B 778 -7.59 61.30 28.86
C GLY B 778 -6.33 60.85 29.55
N LEU B 779 -6.23 61.16 30.85
CA LEU B 779 -5.08 60.79 31.67
C LEU B 779 -5.49 60.88 33.15
N ARG B 780 -6.25 59.88 33.59
CA ARG B 780 -6.75 59.79 34.97
C ARG B 780 -5.75 60.25 36.03
N GLY B 781 -4.48 59.87 35.86
CA GLY B 781 -3.45 60.27 36.81
C GLY B 781 -2.05 60.31 36.21
N LEU B 782 -1.50 61.51 36.03
CA LEU B 782 -0.16 61.69 35.45
C LEU B 782 0.94 61.72 36.53
N ASP B 783 2.14 61.31 36.11
CA ASP B 783 3.26 61.27 37.03
C ASP B 783 2.77 60.58 38.31
N THR B 784 1.94 59.55 38.16
CA THR B 784 1.45 58.84 39.33
C THR B 784 2.61 58.07 40.00
N PRO B 785 2.64 58.16 41.34
CA PRO B 785 3.79 57.57 42.07
C PRO B 785 4.24 56.21 41.58
MN MN C . 14.44 -8.95 -11.93
N 200 D . 6.98 3.03 -0.72
CA 200 D . 6.86 1.58 -1.08
C 200 D . 5.39 1.11 -0.83
O 200 D . 5.13 -0.12 -0.85
OXT 200 D . 4.50 1.99 -0.62
CB 200 D . 7.85 0.74 -0.25
CG 200 D . 9.25 0.82 -0.83
CD1 200 D . 10.11 1.99 -0.60
CD2 200 D . 9.78 -0.24 -1.65
CE1 200 D . 11.41 2.07 -1.16
CE2 200 D . 11.09 -0.14 -2.20
CZ 200 D . 11.89 1.01 -1.96
CL 200 D . 13.50 1.11 -2.66
S SO4 E . 28.78 2.44 -14.79
O1 SO4 E . 28.32 1.15 -15.63
O2 SO4 E . 27.88 2.20 -13.82
O3 SO4 E . 28.81 3.37 -15.69
O4 SO4 E . 30.32 2.38 -14.26
#